data_6HZO
#
_entry.id   6HZO
#
_cell.length_a   76.014
_cell.length_b   93.632
_cell.length_c   95.830
_cell.angle_alpha   90.00
_cell.angle_beta   95.46
_cell.angle_gamma   90.00
#
_symmetry.space_group_name_H-M   'P 1 21 1'
#
loop_
_entity.id
_entity.type
_entity.pdbx_description
1 polymer FtsI
2 water water
#
_entity_poly.entity_id   1
_entity_poly.type   'polypeptide(L)'
_entity_poly.pdbx_seq_one_letter_code
;GPGYQDPLSLDQRIQTMVYREIKKAVEENNAESGTAVLVDVRTGEVLAMATAPGRNRAITDTFEPGSTVKPFVVLTALQR
GVVKRDEIIDTTSFKLSGKEIVDVAPRAQQTLDEILMNSSNRGVSRLALRMPPSALMETYQNAGLSKPTDLGLIGEQVGI
LNANRKRWADIERATVAYGYGITATPLQIARAYATLGSFGVYRPLSFEKQDPPVIGKRVFSEKITKDIVGILEKVAIKNK
RAMVEGYRVGVKTGTARKIENGHYVNKYVAFTAGIAPISDPRYALVVLINDPKAGEYYGGAVSAPVFSNIMGYALRANAI
PQDAE
;
_entity_poly.pdbx_strand_id   A,B,C,D
#
# COMPACT_ATOMS: atom_id res chain seq x y z
N LEU A 10 -12.99 22.31 8.12
CA LEU A 10 -12.87 23.69 7.48
C LEU A 10 -13.90 24.65 8.09
N ASP A 11 -13.43 25.69 8.80
CA ASP A 11 -14.26 26.80 9.35
C ASP A 11 -14.38 27.90 8.28
N GLN A 12 -15.55 28.13 7.69
CA GLN A 12 -15.70 29.10 6.56
C GLN A 12 -15.58 30.52 7.13
N ARG A 13 -16.08 30.76 8.34
CA ARG A 13 -15.87 32.04 9.06
C ARG A 13 -14.36 32.37 9.01
N ILE A 14 -13.53 31.38 9.37
CA ILE A 14 -12.04 31.45 9.43
C ILE A 14 -11.45 31.45 8.01
N GLN A 15 -11.86 30.50 7.16
CA GLN A 15 -11.41 30.38 5.74
C GLN A 15 -11.62 31.70 5.00
N THR A 16 -12.77 32.35 5.16
CA THR A 16 -13.05 33.62 4.47
C THR A 16 -12.09 34.66 5.04
N MET A 17 -11.85 34.62 6.35
CA MET A 17 -10.94 35.58 7.04
C MET A 17 -9.50 35.32 6.59
N VAL A 18 -9.10 34.07 6.38
CA VAL A 18 -7.71 33.75 5.98
C VAL A 18 -7.48 34.31 4.56
N TYR A 19 -8.47 34.10 3.68
CA TYR A 19 -8.43 34.46 2.24
C TYR A 19 -8.31 35.98 2.09
N ARG A 20 -8.79 36.75 3.07
CA ARG A 20 -8.73 38.24 3.09
C ARG A 20 -7.37 38.68 3.58
N GLU A 21 -6.92 38.09 4.69
CA GLU A 21 -5.62 38.38 5.35
C GLU A 21 -4.46 38.11 4.40
N ILE A 22 -4.53 37.00 3.66
CA ILE A 22 -3.47 36.66 2.67
C ILE A 22 -3.45 37.78 1.63
N LYS A 23 -4.58 38.11 1.00
CA LYS A 23 -4.68 39.16 -0.06
C LYS A 23 -3.97 40.42 0.43
N LYS A 24 -4.34 40.94 1.59
CA LYS A 24 -3.70 42.16 2.17
C LYS A 24 -2.18 41.99 2.13
N ALA A 25 -1.68 40.95 2.80
CA ALA A 25 -0.25 40.62 2.94
C ALA A 25 0.43 40.60 1.57
N VAL A 26 -0.19 39.94 0.59
CA VAL A 26 0.40 39.81 -0.77
C VAL A 26 0.51 41.21 -1.40
N GLU A 27 -0.62 41.89 -1.56
CA GLU A 27 -0.69 43.21 -2.25
C GLU A 27 0.11 44.24 -1.46
N GLU A 28 0.03 44.21 -0.13
CA GLU A 28 0.78 45.16 0.74
C GLU A 28 2.29 44.98 0.52
N ASN A 29 2.78 43.74 0.43
CA ASN A 29 4.23 43.43 0.24
C ASN A 29 4.46 43.18 -1.25
N ASN A 30 3.43 43.38 -2.06
CA ASN A 30 3.56 43.32 -3.53
C ASN A 30 4.28 42.01 -3.82
N ALA A 31 3.87 40.97 -3.11
CA ALA A 31 4.41 39.60 -3.24
C ALA A 31 3.85 38.98 -4.51
N GLU A 32 4.52 37.96 -5.02
CA GLU A 32 4.08 37.19 -6.22
C GLU A 32 2.82 36.40 -5.83
N SER A 33 2.83 35.81 -4.64
CA SER A 33 1.69 35.06 -4.04
C SER A 33 1.99 34.76 -2.59
N GLY A 34 0.96 34.38 -1.85
CA GLY A 34 1.05 33.94 -0.45
C GLY A 34 0.21 32.71 -0.23
N THR A 35 0.38 32.06 0.93
CA THR A 35 -0.44 30.90 1.32
C THR A 35 -0.53 30.89 2.84
N ALA A 36 -1.65 30.42 3.36
CA ALA A 36 -1.83 30.19 4.82
C ALA A 36 -2.59 28.87 5.04
N VAL A 37 -2.17 28.09 6.03
CA VAL A 37 -2.82 26.79 6.40
C VAL A 37 -3.00 26.72 7.90
N LEU A 38 -4.23 26.45 8.35
CA LEU A 38 -4.58 26.30 9.77
C LEU A 38 -5.11 24.88 9.97
N VAL A 39 -4.34 24.05 10.67
CA VAL A 39 -4.68 22.65 11.03
C VAL A 39 -5.09 22.68 12.50
N ASP A 40 -6.21 22.00 12.81
CA ASP A 40 -6.72 21.80 14.19
C ASP A 40 -5.84 20.77 14.92
N VAL A 41 -5.11 21.18 15.95
CA VAL A 41 -4.10 20.33 16.66
C VAL A 41 -4.75 19.03 17.14
N ARG A 42 -6.02 19.05 17.56
CA ARG A 42 -6.68 17.91 18.27
C ARG A 42 -7.14 16.83 17.29
N THR A 43 -7.40 17.16 16.03
CA THR A 43 -8.10 16.27 15.07
C THR A 43 -7.33 16.06 13.78
N GLY A 44 -6.51 17.05 13.39
CA GLY A 44 -5.78 17.05 12.12
C GLY A 44 -6.61 17.55 10.95
N GLU A 45 -7.85 17.97 11.19
CA GLU A 45 -8.69 18.57 10.12
C GLU A 45 -8.07 19.91 9.73
N VAL A 46 -7.98 20.15 8.43
CA VAL A 46 -7.52 21.43 7.82
C VAL A 46 -8.64 22.47 7.96
N LEU A 47 -8.59 23.30 9.00
CA LEU A 47 -9.60 24.37 9.27
C LEU A 47 -9.57 25.46 8.20
N ALA A 48 -8.40 25.89 7.74
CA ALA A 48 -8.30 26.91 6.67
C ALA A 48 -7.05 26.68 5.81
N MET A 49 -7.26 26.78 4.51
CA MET A 49 -6.25 26.63 3.45
C MET A 49 -6.65 27.60 2.34
N ALA A 50 -5.78 28.57 2.06
CA ALA A 50 -6.04 29.73 1.20
C ALA A 50 -4.72 30.23 0.60
N THR A 51 -4.78 30.58 -0.68
CA THR A 51 -3.65 31.04 -1.53
C THR A 51 -4.11 32.21 -2.43
N ALA A 52 -3.28 33.23 -2.57
CA ALA A 52 -3.63 34.39 -3.39
C ALA A 52 -3.05 34.26 -4.79
N PRO A 53 -3.87 33.79 -5.73
CA PRO A 53 -3.44 33.61 -7.12
C PRO A 53 -3.11 34.95 -7.78
N GLY A 54 -2.07 34.97 -8.61
CA GLY A 54 -1.66 36.18 -9.29
C GLY A 54 -2.68 37.29 -9.18
N THR A 60 -0.82 24.56 -3.53
CA THR A 60 0.32 24.84 -2.60
C THR A 60 1.62 24.35 -3.25
N ASP A 61 2.41 25.30 -3.76
CA ASP A 61 3.77 25.08 -4.33
C ASP A 61 4.75 24.82 -3.19
N THR A 62 5.84 24.09 -3.49
CA THR A 62 6.88 23.63 -2.55
C THR A 62 7.98 24.66 -2.39
N PHE A 63 8.79 24.52 -1.35
CA PHE A 63 9.86 25.48 -0.97
C PHE A 63 10.86 24.79 -0.03
N GLU A 64 11.92 25.51 0.34
CA GLU A 64 12.86 25.04 1.40
C GLU A 64 12.30 25.32 2.79
N PRO A 65 12.16 24.30 3.65
CA PRO A 65 11.65 24.49 5.01
C PRO A 65 12.51 25.48 5.81
N GLY A 66 13.84 25.46 5.61
CA GLY A 66 14.79 26.37 6.27
C GLY A 66 14.68 26.32 7.79
N SER A 67 14.60 27.46 8.47
CA SER A 67 14.63 27.55 9.95
C SER A 67 13.50 26.74 10.59
N THR A 68 12.40 26.50 9.87
CA THR A 68 11.24 25.70 10.37
C THR A 68 11.70 24.35 10.93
N VAL A 69 12.77 23.75 10.41
CA VAL A 69 13.19 22.39 10.85
C VAL A 69 13.99 22.49 12.14
N LYS A 70 14.42 23.67 12.58
CA LYS A 70 15.47 23.79 13.64
C LYS A 70 14.94 23.29 14.98
N PRO A 71 13.70 23.65 15.40
CA PRO A 71 13.17 23.13 16.64
C PRO A 71 13.20 21.59 16.63
N PHE A 72 13.00 20.93 15.49
CA PHE A 72 12.97 19.45 15.41
C PHE A 72 14.38 18.85 15.60
N VAL A 73 15.42 19.64 15.32
CA VAL A 73 16.84 19.24 15.50
C VAL A 73 17.13 19.28 17.00
N VAL A 74 16.69 20.33 17.71
CA VAL A 74 16.94 20.42 19.18
C VAL A 74 16.18 19.27 19.86
N LEU A 75 14.90 19.07 19.52
CA LEU A 75 14.04 17.92 19.93
C LEU A 75 14.83 16.63 19.81
N THR A 76 15.29 16.31 18.60
CA THR A 76 16.04 15.07 18.27
C THR A 76 17.28 14.96 19.15
N ALA A 77 18.08 16.02 19.25
CA ALA A 77 19.35 15.98 20.02
C ALA A 77 19.07 15.70 21.49
N LEU A 78 18.04 16.33 22.10
CA LEU A 78 17.64 16.07 23.51
C LEU A 78 17.12 14.64 23.65
N GLN A 79 16.23 14.25 22.74
CA GLN A 79 15.62 12.90 22.60
C GLN A 79 16.73 11.86 22.47
N ARG A 80 17.82 12.14 21.74
CA ARG A 80 18.98 11.20 21.57
C ARG A 80 19.96 11.24 22.77
N GLY A 81 19.82 12.20 23.70
CA GLY A 81 20.70 12.37 24.88
C GLY A 81 22.11 12.79 24.48
N VAL A 82 22.30 13.35 23.29
CA VAL A 82 23.65 13.71 22.77
C VAL A 82 23.94 15.15 23.18
N VAL A 83 22.96 15.79 23.85
CA VAL A 83 23.15 17.14 24.47
C VAL A 83 22.37 17.17 25.79
N LYS A 84 22.90 17.88 26.79
CA LYS A 84 22.21 18.06 28.09
C LYS A 84 21.37 19.32 27.95
N ARG A 85 20.22 19.38 28.61
CA ARG A 85 19.23 20.47 28.43
C ARG A 85 19.91 21.84 28.66
N ASP A 86 20.82 21.94 29.65
CA ASP A 86 21.44 23.22 30.10
C ASP A 86 22.86 23.33 29.51
N GLU A 87 23.12 22.69 28.36
CA GLU A 87 24.47 22.62 27.76
C GLU A 87 24.72 23.88 26.94
N ILE A 88 25.93 24.41 27.04
CA ILE A 88 26.39 25.58 26.25
C ILE A 88 27.10 25.04 25.00
N ILE A 89 26.59 25.37 23.82
CA ILE A 89 27.11 24.92 22.50
C ILE A 89 28.11 25.97 21.97
N ASP A 90 29.17 25.52 21.28
CA ASP A 90 30.22 26.41 20.70
C ASP A 90 29.70 26.92 19.35
N THR A 91 29.27 28.17 19.26
CA THR A 91 28.68 28.73 18.01
C THR A 91 29.66 29.68 17.33
N THR A 92 30.96 29.46 17.56
CA THR A 92 32.11 30.10 16.86
C THR A 92 32.28 29.49 15.47
N SER A 93 32.69 30.28 14.47
CA SER A 93 32.73 29.91 13.03
C SER A 93 33.47 28.58 12.83
N PHE A 94 33.09 27.83 11.81
CA PHE A 94 33.73 26.55 11.46
C PHE A 94 33.30 26.19 10.05
N LYS A 95 33.98 25.21 9.44
CA LYS A 95 33.77 24.77 8.03
C LYS A 95 33.53 23.27 8.04
N LEU A 96 32.66 22.81 7.15
CA LEU A 96 32.41 21.38 6.84
C LEU A 96 32.55 21.21 5.33
N SER A 97 33.21 20.14 4.88
CA SER A 97 33.53 19.90 3.44
C SER A 97 33.98 21.21 2.77
N GLY A 98 34.74 22.04 3.50
CA GLY A 98 35.37 23.28 2.99
C GLY A 98 34.43 24.48 2.91
N LYS A 99 33.12 24.30 3.15
CA LYS A 99 32.11 25.39 3.24
C LYS A 99 31.94 25.82 4.70
N GLU A 100 32.01 27.14 4.96
CA GLU A 100 31.83 27.74 6.30
C GLU A 100 30.32 27.77 6.65
N ILE A 101 29.96 27.34 7.87
CA ILE A 101 28.60 27.50 8.47
C ILE A 101 28.47 28.95 8.95
N VAL A 102 27.57 29.70 8.34
CA VAL A 102 27.36 31.14 8.64
C VAL A 102 26.16 31.27 9.57
N ASP A 103 26.22 32.23 10.49
CA ASP A 103 25.09 32.62 11.37
C ASP A 103 24.65 34.04 11.00
N VAL A 104 23.34 34.27 10.99
CA VAL A 104 22.68 35.61 10.91
C VAL A 104 23.16 36.46 12.09
N ALA A 105 23.08 35.92 13.31
CA ALA A 105 23.27 36.64 14.59
C ALA A 105 24.39 36.00 15.38
N PRO A 106 25.63 35.99 14.87
CA PRO A 106 26.68 35.14 15.45
C PRO A 106 26.87 35.47 16.94
N ARG A 107 27.22 34.46 17.75
CA ARG A 107 27.68 34.58 19.16
C ARG A 107 28.90 33.66 19.30
N ALA A 108 29.51 33.60 20.48
CA ALA A 108 30.61 32.65 20.77
C ALA A 108 30.01 31.35 21.31
N GLN A 109 29.25 31.46 22.40
CA GLN A 109 28.59 30.33 23.11
C GLN A 109 27.08 30.56 23.13
N GLN A 110 26.30 29.51 22.79
CA GLN A 110 24.82 29.52 22.80
C GLN A 110 24.29 28.34 23.63
N THR A 111 23.21 28.57 24.39
CA THR A 111 22.30 27.53 24.95
C THR A 111 21.37 27.00 23.86
N LEU A 112 20.62 25.93 24.13
CA LEU A 112 19.66 25.37 23.15
C LEU A 112 18.58 26.42 22.91
N ASP A 113 18.21 27.15 23.96
CA ASP A 113 17.14 28.19 23.89
C ASP A 113 17.59 29.24 22.87
N GLU A 114 18.84 29.71 23.01
CA GLU A 114 19.46 30.78 22.17
C GLU A 114 19.57 30.31 20.72
N ILE A 115 19.83 29.04 20.45
CA ILE A 115 20.00 28.52 19.06
C ILE A 115 18.70 28.69 18.27
N LEU A 116 17.58 28.23 18.79
CA LEU A 116 16.28 28.49 18.14
C LEU A 116 16.05 30.01 18.08
N MET A 117 16.31 30.75 19.17
CA MET A 117 16.06 32.21 19.28
C MET A 117 16.92 32.98 18.27
N ASN A 118 18.22 32.75 18.28
CA ASN A 118 19.18 33.31 17.29
C ASN A 118 19.07 32.55 15.94
N SER A 119 18.21 31.54 15.81
CA SER A 119 18.16 30.63 14.64
C SER A 119 19.57 30.33 14.10
N SER A 120 20.50 29.86 14.93
CA SER A 120 21.91 29.69 14.51
C SER A 120 22.01 28.40 13.70
N ASN A 121 22.59 28.48 12.49
CA ASN A 121 22.90 27.32 11.63
C ASN A 121 24.00 26.50 12.28
N ARG A 122 24.93 27.17 12.96
CA ARG A 122 26.10 26.56 13.63
C ARG A 122 25.59 25.73 14.80
N GLY A 123 24.74 26.33 15.65
CA GLY A 123 24.16 25.64 16.80
C GLY A 123 23.61 24.30 16.39
N VAL A 124 22.79 24.29 15.32
CA VAL A 124 22.07 23.07 14.86
C VAL A 124 23.06 22.16 14.12
N SER A 125 23.97 22.71 13.34
CA SER A 125 24.99 21.92 12.60
C SER A 125 25.80 21.04 13.56
N ARG A 126 26.11 21.55 14.76
CA ARG A 126 27.00 20.85 15.72
C ARG A 126 26.21 19.66 16.28
N LEU A 127 24.95 19.95 16.63
CA LEU A 127 23.97 18.96 17.15
C LEU A 127 23.82 17.84 16.13
N ALA A 128 23.69 18.14 14.85
CA ALA A 128 23.56 17.12 13.80
C ALA A 128 24.78 16.19 13.78
N LEU A 129 25.99 16.74 14.03
CA LEU A 129 27.26 15.97 13.88
C LEU A 129 27.61 15.27 15.18
N ARG A 130 26.81 15.51 16.22
CA ARG A 130 26.75 14.69 17.46
C ARG A 130 25.90 13.42 17.25
N MET A 131 25.31 13.23 16.06
CA MET A 131 24.26 12.22 15.81
C MET A 131 24.50 11.55 14.46
N PRO A 132 24.10 10.28 14.32
CA PRO A 132 24.05 9.65 13.00
C PRO A 132 23.10 10.47 12.14
N PRO A 133 23.30 10.49 10.80
CA PRO A 133 22.41 11.21 9.88
C PRO A 133 20.98 10.64 9.95
N SER A 134 20.90 9.35 10.25
CA SER A 134 19.62 8.66 10.43
C SER A 134 18.78 9.44 11.45
N ALA A 135 19.40 10.12 12.42
CA ALA A 135 18.69 10.70 13.60
C ALA A 135 17.65 11.69 13.10
N LEU A 136 18.09 12.70 12.33
CA LEU A 136 17.20 13.79 11.88
C LEU A 136 16.26 13.25 10.83
N MET A 137 16.67 12.23 10.09
CA MET A 137 15.86 11.67 8.97
C MET A 137 14.64 10.97 9.56
N GLU A 138 14.80 10.27 10.68
CA GLU A 138 13.69 9.62 11.44
C GLU A 138 12.80 10.76 11.98
N THR A 139 13.39 11.86 12.42
CA THR A 139 12.64 12.95 13.09
C THR A 139 11.79 13.62 12.02
N TYR A 140 12.32 13.79 10.82
CA TYR A 140 11.55 14.49 9.75
C TYR A 140 10.42 13.53 9.36
N GLN A 141 10.74 12.29 9.03
CA GLN A 141 9.74 11.26 8.66
C GLN A 141 8.65 11.27 9.73
N ASN A 142 9.00 11.23 11.00
CA ASN A 142 7.98 11.16 12.08
C ASN A 142 7.03 12.36 11.98
N ALA A 143 7.56 13.57 11.85
CA ALA A 143 6.81 14.85 11.78
C ALA A 143 6.07 14.97 10.46
N GLY A 144 6.36 14.10 9.47
CA GLY A 144 5.70 14.04 8.15
C GLY A 144 6.36 14.91 7.08
N LEU A 145 7.59 15.39 7.31
CA LEU A 145 8.35 16.20 6.31
C LEU A 145 9.04 15.29 5.28
N SER A 146 9.01 13.97 5.48
CA SER A 146 9.79 12.95 4.72
C SER A 146 10.53 13.61 3.54
N LYS A 166 26.44 5.41 0.40
CA LYS A 166 25.26 5.72 1.25
C LYS A 166 25.63 6.59 2.46
N ARG A 167 26.94 6.76 2.72
CA ARG A 167 27.53 7.54 3.85
C ARG A 167 27.57 9.04 3.48
N TRP A 168 27.10 9.89 4.41
CA TRP A 168 26.78 11.33 4.24
C TRP A 168 28.02 12.21 4.32
N ALA A 169 28.13 13.19 3.42
CA ALA A 169 29.16 14.23 3.48
C ALA A 169 28.86 15.13 4.68
N ASP A 170 29.89 15.76 5.27
CA ASP A 170 29.82 16.47 6.56
C ASP A 170 28.95 17.70 6.40
N ILE A 171 29.02 18.36 5.24
CA ILE A 171 28.11 19.51 4.95
C ILE A 171 26.65 19.00 4.81
N GLU A 172 26.40 17.84 4.18
CA GLU A 172 25.02 17.35 3.97
C GLU A 172 24.35 17.14 5.34
N ARG A 173 25.12 16.61 6.30
CA ARG A 173 24.70 16.34 7.70
C ARG A 173 24.31 17.63 8.42
N ALA A 174 24.85 18.77 7.99
CA ALA A 174 24.62 20.11 8.55
C ALA A 174 23.43 20.80 7.88
N THR A 175 23.42 20.90 6.55
CA THR A 175 22.42 21.71 5.78
C THR A 175 20.98 21.31 6.14
N VAL A 176 20.73 19.99 6.15
CA VAL A 176 19.43 19.34 6.50
C VAL A 176 18.97 19.88 7.87
N ALA A 177 19.91 20.08 8.79
CA ALA A 177 19.69 20.56 10.18
C ALA A 177 19.23 22.02 10.16
N TYR A 178 19.59 22.78 9.14
CA TYR A 178 19.03 24.15 8.95
C TYR A 178 18.15 24.16 7.70
N GLY A 179 17.75 22.97 7.23
CA GLY A 179 16.64 22.82 6.28
C GLY A 179 16.97 23.40 4.92
N TYR A 180 18.27 23.51 4.63
CA TYR A 180 18.77 23.83 3.29
C TYR A 180 18.87 22.51 2.51
N GLY A 181 18.80 22.59 1.19
CA GLY A 181 18.88 21.43 0.31
C GLY A 181 17.64 20.55 0.37
N ILE A 182 16.63 20.82 1.19
CA ILE A 182 15.43 19.93 1.21
C ILE A 182 14.19 20.72 0.82
N THR A 183 13.12 19.99 0.47
CA THR A 183 11.80 20.49 -0.01
C THR A 183 10.74 20.30 1.09
N ALA A 184 9.69 21.12 1.03
CA ALA A 184 8.48 20.99 1.88
C ALA A 184 7.33 21.82 1.29
N THR A 185 6.11 21.56 1.77
CA THR A 185 4.85 22.28 1.41
C THR A 185 4.26 22.85 2.68
N PRO A 186 3.42 23.91 2.61
CA PRO A 186 2.83 24.48 3.82
C PRO A 186 2.06 23.41 4.61
N LEU A 187 1.23 22.60 3.97
CA LEU A 187 0.46 21.57 4.72
C LEU A 187 1.42 20.66 5.47
N GLN A 188 2.55 20.32 4.86
CA GLN A 188 3.60 19.48 5.49
C GLN A 188 4.15 20.18 6.75
N ILE A 189 4.46 21.48 6.67
CA ILE A 189 4.99 22.25 7.82
C ILE A 189 3.90 22.36 8.88
N ALA A 190 2.66 22.60 8.45
CA ALA A 190 1.48 22.74 9.35
C ALA A 190 1.35 21.47 10.20
N ARG A 191 1.31 20.31 9.56
CA ARG A 191 1.18 18.99 10.23
C ARG A 191 2.31 18.86 11.25
N ALA A 192 3.54 19.03 10.76
CA ALA A 192 4.78 18.99 11.55
C ALA A 192 4.59 19.82 12.81
N TYR A 193 4.10 21.04 12.66
CA TYR A 193 3.96 22.02 13.77
C TYR A 193 2.78 21.59 14.64
N ALA A 194 1.73 21.00 14.06
CA ALA A 194 0.63 20.31 14.78
C ALA A 194 1.18 19.18 15.67
N THR A 195 2.19 18.47 15.19
CA THR A 195 2.87 17.38 15.93
C THR A 195 3.59 17.95 17.15
N LEU A 196 4.11 19.17 17.08
CA LEU A 196 4.64 19.85 18.28
C LEU A 196 3.47 20.11 19.23
N GLY A 197 2.38 20.66 18.70
CA GLY A 197 1.23 21.16 19.48
C GLY A 197 0.62 20.06 20.33
N SER A 198 0.46 18.88 19.75
CA SER A 198 -0.07 17.67 20.44
C SER A 198 0.98 17.10 21.42
N PHE A 199 2.12 17.79 21.56
CA PHE A 199 3.28 17.28 22.32
C PHE A 199 3.61 15.85 21.86
N GLY A 200 3.80 15.65 20.56
CA GLY A 200 4.54 14.47 20.06
C GLY A 200 3.64 13.43 19.42
N VAL A 201 2.37 13.79 19.19
CA VAL A 201 1.36 12.86 18.61
C VAL A 201 1.03 13.30 17.19
N TYR A 202 1.39 12.44 16.24
CA TYR A 202 1.24 12.69 14.78
C TYR A 202 -0.15 12.21 14.41
N ARG A 203 -1.03 13.18 14.13
CA ARG A 203 -2.44 12.99 13.69
C ARG A 203 -2.53 13.35 12.22
N PRO A 204 -3.02 12.44 11.36
CA PRO A 204 -3.02 12.69 9.90
C PRO A 204 -4.01 13.81 9.54
N LEU A 205 -3.76 14.53 8.45
CA LEU A 205 -4.59 15.69 8.05
C LEU A 205 -5.92 15.14 7.52
N SER A 206 -7.02 15.76 7.91
CA SER A 206 -8.40 15.46 7.47
C SER A 206 -8.97 16.71 6.78
N PHE A 207 -9.45 16.55 5.56
CA PHE A 207 -10.21 17.61 4.87
C PHE A 207 -11.64 17.61 5.42
N GLU A 208 -12.19 16.40 5.65
CA GLU A 208 -13.54 16.14 6.24
C GLU A 208 -13.61 16.61 7.70
N LYS A 209 -14.72 17.22 8.11
CA LYS A 209 -14.97 17.67 9.51
C LYS A 209 -14.79 16.46 10.42
N GLN A 210 -14.38 16.71 11.66
CA GLN A 210 -13.82 15.70 12.59
C GLN A 210 -14.01 16.19 14.03
N ASP A 211 -14.12 15.27 14.99
CA ASP A 211 -14.30 15.58 16.42
C ASP A 211 -13.33 14.74 17.26
N PRO A 212 -12.71 15.34 18.30
CA PRO A 212 -11.93 14.54 19.23
C PRO A 212 -12.85 13.44 19.75
N PRO A 213 -12.33 12.25 20.14
CA PRO A 213 -10.93 11.88 19.99
C PRO A 213 -10.62 11.13 18.68
N VAL A 214 -9.34 11.14 18.35
CA VAL A 214 -8.79 10.75 17.02
C VAL A 214 -7.61 9.82 17.26
N ILE A 215 -7.59 8.72 16.50
CA ILE A 215 -6.45 7.76 16.48
C ILE A 215 -5.24 8.50 15.90
N GLY A 216 -4.09 8.43 16.60
CA GLY A 216 -2.82 9.07 16.17
C GLY A 216 -1.55 8.49 16.80
N LYS A 217 -0.60 8.08 15.96
CA LYS A 217 0.72 7.53 16.34
C LYS A 217 1.54 8.55 17.14
N ARG A 218 2.03 8.16 18.30
CA ARG A 218 2.90 9.00 19.17
C ARG A 218 4.32 8.82 18.65
N VAL A 219 5.02 9.92 18.32
CA VAL A 219 6.33 9.86 17.60
C VAL A 219 7.41 10.62 18.36
N PHE A 220 7.07 11.52 19.28
CA PHE A 220 8.10 12.30 20.03
C PHE A 220 7.75 12.29 21.51
N SER A 221 8.77 12.34 22.37
CA SER A 221 8.62 12.44 23.83
C SER A 221 7.65 13.58 24.14
N GLU A 222 6.64 13.32 24.97
CA GLU A 222 5.75 14.37 25.54
C GLU A 222 6.63 15.41 26.25
N LYS A 223 7.40 15.09 27.27
CA LYS A 223 8.16 16.09 28.07
C LYS A 223 8.96 17.01 27.14
N ILE A 224 9.73 16.44 26.24
CA ILE A 224 10.68 17.21 25.37
C ILE A 224 9.92 18.05 24.31
N THR A 225 8.81 17.57 23.73
CA THR A 225 8.02 18.36 22.76
C THR A 225 7.42 19.54 23.50
N LYS A 226 6.70 19.28 24.59
CA LYS A 226 6.19 20.34 25.51
C LYS A 226 7.29 21.39 25.73
N ASP A 227 8.51 20.96 26.00
CA ASP A 227 9.68 21.83 26.30
C ASP A 227 10.06 22.67 25.05
N ILE A 228 10.05 22.07 23.87
CA ILE A 228 10.42 22.79 22.63
C ILE A 228 9.36 23.85 22.36
N VAL A 229 8.08 23.50 22.54
CA VAL A 229 6.93 24.44 22.39
C VAL A 229 7.19 25.64 23.28
N GLY A 230 7.71 25.36 24.49
CA GLY A 230 8.19 26.37 25.45
C GLY A 230 9.23 27.29 24.85
N ILE A 231 10.28 26.70 24.27
CA ILE A 231 11.36 27.46 23.56
C ILE A 231 10.73 28.22 22.39
N LEU A 232 9.71 27.66 21.75
CA LEU A 232 9.09 28.33 20.60
C LEU A 232 8.45 29.63 21.10
N GLU A 233 7.79 29.57 22.26
CA GLU A 233 7.23 30.77 22.94
C GLU A 233 8.29 31.88 22.97
N LYS A 234 9.44 31.57 23.55
CA LYS A 234 10.56 32.53 23.69
C LYS A 234 10.90 33.13 22.32
N VAL A 235 11.00 32.32 21.26
CA VAL A 235 11.23 32.81 19.87
C VAL A 235 10.12 33.83 19.57
N ALA A 236 8.87 33.46 19.85
CA ALA A 236 7.71 34.32 19.54
C ALA A 236 7.87 35.63 20.29
N ILE A 237 8.39 35.61 21.52
CA ILE A 237 8.49 36.83 22.38
C ILE A 237 9.58 37.76 21.80
N LYS A 238 10.80 37.25 21.64
CA LYS A 238 11.98 38.00 21.12
C LYS A 238 11.69 38.63 19.74
N ASN A 239 10.87 38.00 18.91
CA ASN A 239 10.35 38.51 17.61
C ASN A 239 8.88 38.92 17.75
N LYS A 240 8.65 40.15 18.18
CA LYS A 240 7.35 40.56 18.78
C LYS A 240 6.20 40.41 17.76
N ARG A 241 6.51 40.40 16.47
CA ARG A 241 5.56 40.77 15.38
C ARG A 241 4.44 39.71 15.26
N ALA A 242 4.63 38.47 15.77
CA ALA A 242 3.75 37.30 15.58
C ALA A 242 2.86 37.06 16.79
N MET A 243 3.13 37.71 17.93
CA MET A 243 2.41 37.49 19.22
C MET A 243 0.95 37.91 19.06
N VAL A 244 0.09 37.44 19.96
CA VAL A 244 -1.38 37.65 19.87
C VAL A 244 -1.90 38.14 21.23
N GLU A 245 -2.76 39.17 21.18
CA GLU A 245 -3.38 39.81 22.37
C GLU A 245 -4.31 38.78 23.04
N GLY A 246 -3.98 38.42 24.27
CA GLY A 246 -4.77 37.51 25.12
C GLY A 246 -4.05 36.20 25.31
N TYR A 247 -3.53 35.64 24.20
CA TYR A 247 -3.03 34.26 24.06
C TYR A 247 -1.50 34.23 24.04
N ARG A 248 -0.94 33.10 24.50
CA ARG A 248 0.50 32.77 24.37
C ARG A 248 0.70 31.88 23.14
N VAL A 249 1.66 32.31 22.31
CA VAL A 249 1.83 31.93 20.88
C VAL A 249 3.30 31.58 20.70
N GLY A 250 3.56 30.40 20.14
CA GLY A 250 4.90 29.87 19.83
C GLY A 250 5.08 29.72 18.35
N VAL A 251 6.24 30.16 17.85
CA VAL A 251 6.44 30.44 16.42
C VAL A 251 7.90 30.23 16.02
N LYS A 252 8.13 29.79 14.78
CA LYS A 252 9.47 29.85 14.15
C LYS A 252 9.32 30.66 12.87
N THR A 253 10.28 31.54 12.57
CA THR A 253 10.22 32.56 11.48
C THR A 253 11.54 32.57 10.71
N GLY A 254 11.48 32.40 9.39
CA GLY A 254 12.68 32.19 8.56
C GLY A 254 12.49 32.69 7.13
N THR A 255 13.57 32.60 6.34
CA THR A 255 13.65 32.88 4.88
C THR A 255 14.29 31.70 4.17
N ALA A 256 13.84 31.38 2.96
CA ALA A 256 14.48 30.35 2.12
C ALA A 256 14.08 30.53 0.66
N ARG A 257 14.83 29.86 -0.23
CA ARG A 257 14.65 29.86 -1.70
C ARG A 257 13.33 29.13 -2.01
N LYS A 258 12.58 29.70 -2.96
CA LYS A 258 11.46 29.03 -3.66
C LYS A 258 12.03 27.87 -4.50
N ILE A 259 11.23 26.83 -4.72
CA ILE A 259 11.63 25.60 -5.48
C ILE A 259 10.71 25.46 -6.68
N GLU A 260 11.13 26.01 -7.82
CA GLU A 260 10.34 25.96 -9.08
C GLU A 260 10.85 24.79 -9.92
N ASN A 261 9.90 24.00 -10.47
CA ASN A 261 10.10 22.90 -11.45
C ASN A 261 11.32 22.06 -11.01
N GLY A 262 11.35 21.60 -9.76
CA GLY A 262 12.36 20.64 -9.24
C GLY A 262 13.69 21.26 -8.80
N HIS A 263 13.86 22.58 -8.90
CA HIS A 263 15.15 23.24 -8.58
C HIS A 263 14.93 24.45 -7.67
N TYR A 264 16.01 24.91 -7.05
CA TYR A 264 16.11 26.13 -6.23
C TYR A 264 16.33 27.28 -7.21
N VAL A 265 15.50 28.31 -7.12
CA VAL A 265 15.63 29.56 -7.90
C VAL A 265 16.01 30.67 -6.92
N ASN A 266 16.79 31.66 -7.34
CA ASN A 266 17.23 32.77 -6.45
C ASN A 266 16.03 33.70 -6.32
N LYS A 267 14.95 33.18 -5.75
CA LYS A 267 13.72 33.93 -5.33
C LYS A 267 13.34 33.47 -3.92
N TYR A 268 13.01 34.43 -3.04
CA TYR A 268 12.85 34.21 -1.58
C TYR A 268 11.37 34.07 -1.19
N VAL A 269 11.21 33.41 -0.05
CA VAL A 269 9.92 33.13 0.63
C VAL A 269 10.15 33.50 2.10
N ALA A 270 9.17 34.18 2.68
CA ALA A 270 9.05 34.46 4.11
C ALA A 270 8.02 33.47 4.65
N PHE A 271 8.30 32.87 5.79
CA PHE A 271 7.34 31.99 6.49
C PHE A 271 7.48 32.26 8.00
N THR A 272 6.34 32.24 8.69
CA THR A 272 6.28 31.92 10.13
C THR A 272 5.32 30.74 10.30
N ALA A 273 5.76 29.80 11.09
CA ALA A 273 4.99 28.61 11.47
C ALA A 273 4.92 28.61 12.99
N GLY A 274 3.78 28.20 13.53
CA GLY A 274 3.62 28.18 14.99
C GLY A 274 2.29 27.61 15.43
N ILE A 275 2.16 27.56 16.74
CA ILE A 275 1.04 26.91 17.45
C ILE A 275 0.55 27.89 18.51
N ALA A 276 -0.70 27.72 18.95
CA ALA A 276 -1.33 28.55 19.98
C ALA A 276 -2.67 27.92 20.37
N PRO A 277 -3.10 28.06 21.65
CA PRO A 277 -2.36 28.79 22.67
C PRO A 277 -1.40 27.87 23.41
N ILE A 278 -0.18 28.37 23.66
CA ILE A 278 0.95 27.58 24.22
C ILE A 278 0.46 26.63 25.31
N SER A 279 -0.34 27.14 26.27
CA SER A 279 -0.82 26.46 27.51
C SER A 279 -1.67 25.21 27.17
N ASP A 280 -2.40 25.22 26.04
CA ASP A 280 -3.26 24.08 25.60
C ASP A 280 -3.45 24.17 24.08
N PRO A 281 -2.40 23.87 23.26
CA PRO A 281 -2.42 24.19 21.82
C PRO A 281 -3.66 23.67 21.08
N ARG A 282 -4.32 24.55 20.34
CA ARG A 282 -5.55 24.24 19.57
C ARG A 282 -5.25 24.29 18.07
N TYR A 283 -4.35 25.19 17.65
CA TYR A 283 -4.13 25.52 16.23
C TYR A 283 -2.64 25.44 15.89
N ALA A 284 -2.36 24.72 14.79
CA ALA A 284 -1.12 24.85 14.02
C ALA A 284 -1.43 25.67 12.77
N LEU A 285 -0.59 26.69 12.52
CA LEU A 285 -0.73 27.70 11.44
C LEU A 285 0.63 27.92 10.77
N VAL A 286 0.63 27.80 9.43
CA VAL A 286 1.77 28.11 8.54
C VAL A 286 1.33 29.24 7.63
N VAL A 287 2.14 30.30 7.61
CA VAL A 287 1.99 31.44 6.66
C VAL A 287 3.26 31.54 5.83
N LEU A 288 3.05 31.68 4.53
CA LEU A 288 4.06 31.67 3.45
C LEU A 288 3.70 32.82 2.48
N ILE A 289 4.66 33.71 2.20
CA ILE A 289 4.51 34.76 1.15
C ILE A 289 5.70 34.66 0.20
N ASN A 290 5.43 34.55 -1.11
CA ASN A 290 6.43 34.38 -2.20
C ASN A 290 6.88 35.73 -2.72
N ASP A 291 8.17 36.04 -2.56
CA ASP A 291 8.90 37.11 -3.30
C ASP A 291 8.46 38.47 -2.78
N PRO A 292 8.41 38.69 -1.45
CA PRO A 292 8.10 40.01 -0.91
C PRO A 292 9.08 40.99 -1.54
N LYS A 293 8.66 42.25 -1.78
CA LYS A 293 9.42 43.27 -2.54
C LYS A 293 9.45 44.59 -1.76
N GLY A 300 11.92 38.73 6.00
CA GLY A 300 12.13 40.00 6.68
C GLY A 300 11.07 40.29 7.72
N ALA A 301 10.63 39.25 8.41
CA ALA A 301 9.61 39.39 9.44
C ALA A 301 8.33 40.01 8.87
N VAL A 302 8.00 39.62 7.65
CA VAL A 302 6.80 40.13 6.99
C VAL A 302 5.65 39.12 7.06
N SER A 303 5.99 37.89 7.41
CA SER A 303 4.97 36.80 7.52
C SER A 303 4.48 36.67 8.96
N ALA A 304 5.32 37.10 9.91
CA ALA A 304 5.01 37.18 11.36
C ALA A 304 3.72 37.95 11.59
N PRO A 305 3.62 39.26 11.25
CA PRO A 305 2.39 40.00 11.50
C PRO A 305 1.17 39.40 10.81
N VAL A 306 1.35 38.63 9.73
CA VAL A 306 0.23 37.96 9.02
C VAL A 306 -0.23 36.74 9.84
N PHE A 307 0.70 36.03 10.47
CA PHE A 307 0.40 34.96 11.46
C PHE A 307 -0.46 35.54 12.60
N SER A 308 0.06 36.56 13.30
CA SER A 308 -0.56 37.19 14.50
C SER A 308 -2.01 37.54 14.19
N ASN A 309 -2.28 38.04 13.00
CA ASN A 309 -3.65 38.51 12.66
C ASN A 309 -4.54 37.28 12.46
N ILE A 310 -4.08 36.26 11.72
CA ILE A 310 -4.88 35.03 11.44
C ILE A 310 -4.98 34.18 12.70
N MET A 311 -3.95 34.15 13.55
CA MET A 311 -3.99 33.30 14.77
C MET A 311 -5.06 33.85 15.73
N GLY A 312 -5.11 35.19 15.90
CA GLY A 312 -6.16 35.95 16.62
C GLY A 312 -7.56 35.70 16.07
N TYR A 313 -7.84 36.09 14.84
CA TYR A 313 -9.22 36.02 14.28
C TYR A 313 -9.74 34.59 14.34
N ALA A 314 -8.85 33.61 14.57
CA ALA A 314 -9.18 32.17 14.64
C ALA A 314 -9.44 31.79 16.10
N LEU A 315 -8.54 32.19 17.00
CA LEU A 315 -8.69 31.97 18.47
C LEU A 315 -9.88 32.75 19.01
N ARG A 316 -10.00 34.03 18.64
CA ARG A 316 -11.07 34.95 19.12
C ARG A 316 -12.41 34.60 18.48
N ALA A 317 -12.42 33.91 17.33
CA ALA A 317 -13.65 33.60 16.56
C ALA A 317 -14.25 32.26 16.98
N ASN A 318 -13.53 31.47 17.77
CA ASN A 318 -13.96 30.11 18.19
C ASN A 318 -13.98 30.05 19.71
N ALA A 319 -13.80 31.20 20.36
CA ALA A 319 -13.93 31.38 21.83
C ALA A 319 -12.91 30.49 22.53
N ILE A 320 -11.64 30.68 22.21
CA ILE A 320 -10.53 29.96 22.89
C ILE A 320 -10.11 30.78 24.11
N PRO A 321 -10.36 30.29 25.33
CA PRO A 321 -9.92 30.99 26.54
C PRO A 321 -8.52 31.59 26.40
N GLN A 322 -8.37 32.89 26.65
CA GLN A 322 -7.04 33.55 26.70
C GLN A 322 -6.17 32.86 27.75
N ASP A 323 -4.86 33.03 27.64
CA ASP A 323 -3.87 32.41 28.55
C ASP A 323 -2.66 33.35 28.75
N ALA A 324 -2.70 34.56 28.19
CA ALA A 324 -1.63 35.60 28.28
C ALA A 324 -2.02 36.62 29.35
N ASP B 11 8.58 3.50 -9.55
CA ASP B 11 8.59 2.48 -8.46
C ASP B 11 9.11 1.15 -8.99
N GLN B 12 10.33 0.75 -8.61
CA GLN B 12 11.15 -0.30 -9.28
C GLN B 12 10.51 -1.69 -9.13
N ARG B 13 10.11 -2.09 -7.93
CA ARG B 13 9.42 -3.39 -7.70
C ARG B 13 8.18 -3.45 -8.59
N ILE B 14 7.77 -2.30 -9.17
CA ILE B 14 6.61 -2.12 -10.10
C ILE B 14 7.17 -1.72 -11.49
N GLN B 15 7.86 -0.58 -11.60
CA GLN B 15 8.38 -0.04 -12.89
C GLN B 15 9.21 -1.07 -13.68
N THR B 16 9.68 -2.13 -13.01
CA THR B 16 10.51 -3.20 -13.62
C THR B 16 9.54 -4.28 -14.12
N MET B 17 8.52 -4.65 -13.35
CA MET B 17 7.54 -5.72 -13.70
C MET B 17 6.65 -5.30 -14.87
N VAL B 18 6.46 -4.00 -15.04
CA VAL B 18 5.70 -3.36 -16.16
C VAL B 18 6.59 -3.44 -17.42
N TYR B 19 7.83 -2.97 -17.29
CA TYR B 19 8.85 -2.91 -18.37
C TYR B 19 8.96 -4.28 -19.05
N ARG B 20 8.83 -5.37 -18.30
CA ARG B 20 8.96 -6.78 -18.80
C ARG B 20 7.60 -7.28 -19.31
N GLU B 21 6.49 -6.77 -18.75
CA GLU B 21 5.12 -7.23 -19.10
C GLU B 21 4.73 -6.67 -20.47
N ILE B 22 5.11 -5.43 -20.76
CA ILE B 22 4.96 -4.83 -22.12
C ILE B 22 5.64 -5.79 -23.12
N LYS B 23 6.96 -5.94 -22.98
CA LYS B 23 7.81 -6.79 -23.87
C LYS B 23 7.05 -8.09 -24.15
N LYS B 24 6.65 -8.80 -23.10
CA LYS B 24 5.95 -10.10 -23.26
C LYS B 24 4.71 -9.88 -24.13
N ALA B 25 4.01 -8.74 -23.93
CA ALA B 25 2.75 -8.39 -24.62
C ALA B 25 3.00 -8.04 -26.09
N VAL B 26 4.05 -7.24 -26.37
CA VAL B 26 4.38 -6.84 -27.78
C VAL B 26 4.90 -8.06 -28.54
N GLU B 27 5.85 -8.83 -27.98
CA GLU B 27 6.44 -10.06 -28.60
C GLU B 27 5.33 -11.10 -28.77
N GLU B 28 4.46 -11.24 -27.76
CA GLU B 28 3.44 -12.32 -27.70
C GLU B 28 2.39 -12.07 -28.77
N ASN B 29 2.15 -10.82 -29.15
CA ASN B 29 1.11 -10.43 -30.15
C ASN B 29 1.76 -10.11 -31.51
N ASN B 30 3.09 -10.12 -31.56
CA ASN B 30 3.92 -9.80 -32.77
C ASN B 30 3.72 -8.32 -33.14
N ALA B 31 3.37 -7.47 -32.18
CA ALA B 31 3.12 -6.03 -32.38
C ALA B 31 4.45 -5.32 -32.58
N GLU B 32 4.40 -4.08 -33.09
CA GLU B 32 5.57 -3.24 -33.44
C GLU B 32 6.18 -2.69 -32.14
N SER B 33 5.40 -1.87 -31.41
CA SER B 33 5.78 -1.25 -30.12
C SER B 33 4.57 -1.24 -29.19
N GLY B 34 4.82 -1.07 -27.89
CA GLY B 34 3.81 -1.11 -26.81
C GLY B 34 4.18 -0.17 -25.67
N THR B 35 3.18 0.32 -24.94
CA THR B 35 3.38 1.28 -23.82
C THR B 35 2.38 1.02 -22.68
N ALA B 36 2.86 1.25 -21.46
CA ALA B 36 2.03 1.29 -20.23
C ALA B 36 2.51 2.45 -19.34
N VAL B 37 1.54 3.08 -18.68
CA VAL B 37 1.74 4.22 -17.75
C VAL B 37 0.83 3.95 -16.56
N LEU B 38 1.37 4.10 -15.35
CA LEU B 38 0.66 3.88 -14.06
C LEU B 38 0.81 5.19 -13.28
N VAL B 39 -0.32 5.66 -12.74
CA VAL B 39 -0.43 6.96 -12.02
C VAL B 39 -1.07 6.68 -10.67
N ASP B 40 -0.38 7.14 -9.62
CA ASP B 40 -0.85 7.14 -8.20
C ASP B 40 -2.03 8.09 -8.16
N VAL B 41 -3.24 7.55 -7.99
CA VAL B 41 -4.47 8.37 -8.11
C VAL B 41 -4.34 9.58 -7.15
N ARG B 42 -3.90 9.37 -5.90
CA ARG B 42 -3.94 10.30 -4.73
C ARG B 42 -2.86 11.39 -4.77
N THR B 43 -1.74 11.16 -5.47
CA THR B 43 -0.59 12.11 -5.53
C THR B 43 -0.32 12.57 -6.95
N GLY B 44 -0.71 11.79 -7.96
CA GLY B 44 -0.39 12.05 -9.38
C GLY B 44 1.04 11.67 -9.66
N GLU B 45 1.62 10.81 -8.83
CA GLU B 45 2.97 10.26 -9.05
C GLU B 45 2.86 9.31 -10.23
N VAL B 46 3.71 9.54 -11.22
CA VAL B 46 4.00 8.57 -12.31
C VAL B 46 4.81 7.45 -11.65
N LEU B 47 4.16 6.34 -11.35
CA LEU B 47 4.82 5.15 -10.76
C LEU B 47 5.58 4.43 -11.89
N ALA B 48 4.92 4.11 -13.01
CA ALA B 48 5.49 3.41 -14.18
C ALA B 48 5.31 4.20 -15.49
N MET B 49 6.22 3.94 -16.43
CA MET B 49 6.39 4.49 -17.81
C MET B 49 7.19 3.46 -18.60
N ALA B 50 6.56 2.58 -19.36
CA ALA B 50 7.28 1.50 -20.07
C ALA B 50 6.87 1.47 -21.55
N THR B 51 7.74 2.01 -22.41
CA THR B 51 7.70 1.78 -23.88
C THR B 51 8.79 0.73 -24.19
N ALA B 52 8.43 -0.33 -24.91
CA ALA B 52 9.30 -1.49 -25.22
C ALA B 52 9.29 -1.76 -26.72
N PRO B 53 10.31 -1.28 -27.49
CA PRO B 53 10.34 -1.48 -28.94
C PRO B 53 10.48 -2.97 -29.31
N GLY B 54 11.22 -3.73 -28.50
CA GLY B 54 11.47 -5.18 -28.67
C GLY B 54 12.56 -5.68 -27.73
N THR B 60 7.34 9.33 -26.91
CA THR B 60 6.03 8.90 -26.33
C THR B 60 4.94 9.05 -27.41
N ASP B 61 4.99 8.21 -28.45
CA ASP B 61 4.12 8.23 -29.66
C ASP B 61 2.66 8.42 -29.25
N THR B 62 2.04 9.52 -29.70
CA THR B 62 0.61 9.89 -29.50
C THR B 62 -0.30 8.98 -30.35
N PHE B 63 -1.61 9.07 -30.15
CA PHE B 63 -2.62 8.28 -30.92
C PHE B 63 -4.00 8.93 -30.75
N GLU B 64 -5.02 8.34 -31.39
CA GLU B 64 -6.45 8.71 -31.19
C GLU B 64 -6.98 8.05 -29.93
N PRO B 65 -7.38 8.86 -28.93
CA PRO B 65 -7.94 8.34 -27.70
C PRO B 65 -9.03 7.29 -27.93
N GLY B 66 -9.89 7.53 -28.90
CA GLY B 66 -10.95 6.55 -29.23
C GLY B 66 -11.84 6.32 -28.04
N SER B 67 -12.27 5.08 -27.80
CA SER B 67 -13.36 4.72 -26.86
C SER B 67 -13.01 5.08 -25.41
N THR B 68 -11.73 5.32 -25.13
CA THR B 68 -11.25 5.84 -23.82
C THR B 68 -12.00 7.11 -23.37
N VAL B 69 -12.51 7.95 -24.30
CA VAL B 69 -13.17 9.27 -23.99
C VAL B 69 -14.66 9.04 -23.72
N LYS B 70 -15.24 7.94 -24.19
CA LYS B 70 -16.70 7.71 -24.10
C LYS B 70 -17.20 7.86 -22.66
N PRO B 71 -16.46 7.43 -21.61
CA PRO B 71 -16.97 7.57 -20.25
C PRO B 71 -17.10 9.05 -19.87
N PHE B 72 -16.24 9.92 -20.40
CA PHE B 72 -16.24 11.38 -20.07
C PHE B 72 -17.46 12.08 -20.68
N VAL B 73 -17.97 11.57 -21.81
CA VAL B 73 -19.17 12.08 -22.55
C VAL B 73 -20.44 11.76 -21.77
N VAL B 74 -20.49 10.61 -21.10
CA VAL B 74 -21.63 10.27 -20.21
C VAL B 74 -21.58 11.17 -18.97
N LEU B 75 -20.38 11.45 -18.45
CA LEU B 75 -20.17 12.33 -17.26
C LEU B 75 -20.75 13.73 -17.55
N THR B 76 -20.36 14.31 -18.69
CA THR B 76 -20.71 15.67 -19.14
C THR B 76 -22.21 15.75 -19.37
N ALA B 77 -22.75 14.86 -20.20
CA ALA B 77 -24.22 14.73 -20.42
C ALA B 77 -24.97 14.85 -19.09
N LEU B 78 -24.60 14.09 -18.04
CA LEU B 78 -25.33 14.07 -16.72
C LEU B 78 -25.11 15.37 -15.93
N GLN B 79 -23.90 15.93 -15.98
CA GLN B 79 -23.55 17.18 -15.29
C GLN B 79 -24.38 18.32 -15.91
N ARG B 80 -24.54 18.34 -17.24
CA ARG B 80 -25.23 19.43 -17.98
C ARG B 80 -26.75 19.23 -17.92
N GLY B 81 -27.26 18.12 -17.34
CA GLY B 81 -28.71 17.92 -17.11
C GLY B 81 -29.41 17.51 -18.39
N VAL B 82 -28.63 17.32 -19.44
CA VAL B 82 -29.06 16.99 -20.82
C VAL B 82 -29.64 15.57 -20.86
N VAL B 83 -29.34 14.74 -19.86
CA VAL B 83 -29.85 13.33 -19.81
C VAL B 83 -30.34 13.01 -18.40
N LYS B 84 -31.40 12.19 -18.32
CA LYS B 84 -31.90 11.59 -17.05
C LYS B 84 -31.10 10.31 -16.82
N ARG B 85 -30.58 10.12 -15.60
CA ARG B 85 -29.70 8.96 -15.27
C ARG B 85 -30.33 7.67 -15.78
N ASP B 86 -31.67 7.57 -15.75
CA ASP B 86 -32.50 6.38 -16.09
C ASP B 86 -32.90 6.40 -17.57
N GLU B 87 -32.45 7.38 -18.37
CA GLU B 87 -32.94 7.54 -19.77
C GLU B 87 -32.51 6.32 -20.58
N ILE B 88 -33.21 6.09 -21.70
CA ILE B 88 -32.99 5.01 -22.68
C ILE B 88 -32.91 5.69 -24.06
N ILE B 89 -31.73 5.62 -24.68
CA ILE B 89 -31.33 6.43 -25.86
C ILE B 89 -31.46 5.58 -27.13
N ASP B 90 -31.96 6.21 -28.19
CA ASP B 90 -32.09 5.60 -29.54
C ASP B 90 -30.67 5.41 -30.09
N THR B 91 -30.25 4.16 -30.28
CA THR B 91 -28.93 3.78 -30.87
C THR B 91 -29.14 3.00 -32.19
N THR B 92 -30.28 3.23 -32.86
CA THR B 92 -30.53 2.81 -34.26
C THR B 92 -29.66 3.69 -35.16
N SER B 93 -29.49 3.34 -36.43
CA SER B 93 -28.60 4.12 -37.33
C SER B 93 -29.20 5.52 -37.58
N PHE B 94 -28.30 6.48 -37.78
CA PHE B 94 -28.58 7.86 -38.23
C PHE B 94 -27.29 8.42 -38.85
N LYS B 95 -27.39 9.59 -39.50
CA LYS B 95 -26.27 10.20 -40.24
C LYS B 95 -26.09 11.63 -39.74
N LEU B 96 -24.87 12.13 -39.82
CA LEU B 96 -24.48 13.51 -39.42
C LEU B 96 -23.52 14.02 -40.49
N SER B 97 -23.77 15.22 -41.01
CA SER B 97 -23.01 15.80 -42.16
C SER B 97 -22.82 14.74 -43.25
N GLY B 98 -23.88 13.98 -43.56
CA GLY B 98 -23.89 12.96 -44.62
C GLY B 98 -23.18 11.66 -44.24
N LYS B 99 -22.16 11.71 -43.36
CA LYS B 99 -21.46 10.54 -42.76
C LYS B 99 -22.41 9.77 -41.82
N GLU B 100 -22.22 8.45 -41.72
CA GLU B 100 -23.12 7.55 -40.96
C GLU B 100 -22.37 6.95 -39.76
N ILE B 101 -22.96 7.09 -38.57
CA ILE B 101 -22.37 6.65 -37.27
C ILE B 101 -22.59 5.13 -37.16
N VAL B 102 -21.48 4.38 -37.11
CA VAL B 102 -21.43 2.89 -37.01
C VAL B 102 -20.97 2.50 -35.61
N ASP B 103 -21.78 1.68 -34.92
CA ASP B 103 -21.46 1.02 -33.62
C ASP B 103 -20.75 -0.29 -33.90
N VAL B 104 -19.80 -0.65 -33.03
CA VAL B 104 -19.13 -1.97 -33.05
C VAL B 104 -20.21 -3.01 -32.77
N ALA B 105 -21.09 -2.75 -31.81
CA ALA B 105 -22.10 -3.73 -31.31
C ALA B 105 -23.51 -3.14 -31.46
N PRO B 106 -24.11 -3.18 -32.67
CA PRO B 106 -25.39 -2.55 -32.91
C PRO B 106 -26.44 -2.87 -31.83
N ARG B 107 -27.26 -1.86 -31.51
CA ARG B 107 -28.51 -2.03 -30.73
C ARG B 107 -29.60 -1.14 -31.34
N ALA B 108 -30.83 -1.23 -30.82
CA ALA B 108 -31.95 -0.31 -31.10
C ALA B 108 -31.97 0.75 -30.00
N GLN B 109 -32.19 0.31 -28.76
CA GLN B 109 -32.23 1.18 -27.55
C GLN B 109 -31.12 0.69 -26.62
N GLN B 110 -30.54 1.59 -25.80
CA GLN B 110 -29.49 1.29 -24.78
C GLN B 110 -29.59 2.29 -23.63
N THR B 111 -29.40 1.85 -22.39
CA THR B 111 -29.22 2.76 -21.23
C THR B 111 -27.84 3.42 -21.33
N LEU B 112 -27.55 4.38 -20.47
CA LEU B 112 -26.21 5.04 -20.39
C LEU B 112 -25.15 4.00 -20.02
N ASP B 113 -25.50 3.06 -19.15
CA ASP B 113 -24.61 1.95 -18.72
C ASP B 113 -24.31 1.10 -19.94
N GLU B 114 -25.34 0.67 -20.66
CA GLU B 114 -25.20 -0.16 -21.88
C GLU B 114 -24.34 0.56 -22.94
N ILE B 115 -24.36 1.90 -23.01
CA ILE B 115 -23.58 2.68 -24.03
C ILE B 115 -22.08 2.53 -23.79
N LEU B 116 -21.60 2.60 -22.53
CA LEU B 116 -20.18 2.34 -22.19
C LEU B 116 -19.85 0.84 -22.29
N MET B 117 -20.79 -0.03 -21.96
CA MET B 117 -20.51 -1.50 -21.95
C MET B 117 -20.45 -2.03 -23.38
N ASN B 118 -21.30 -1.52 -24.29
CA ASN B 118 -21.30 -1.90 -25.72
C ASN B 118 -20.36 -0.98 -26.51
N SER B 119 -19.79 0.02 -25.85
CA SER B 119 -18.92 1.11 -26.39
C SER B 119 -19.59 1.98 -27.47
N SER B 120 -20.91 2.20 -27.43
CA SER B 120 -21.77 2.70 -28.54
C SER B 120 -21.37 4.10 -29.06
N ASN B 121 -20.78 4.18 -30.25
CA ASN B 121 -20.53 5.47 -30.96
C ASN B 121 -21.86 6.22 -31.17
N ARG B 122 -22.90 5.54 -31.61
CA ARG B 122 -24.22 6.16 -31.85
C ARG B 122 -24.77 6.78 -30.55
N GLY B 123 -24.54 6.14 -29.41
CA GLY B 123 -25.11 6.59 -28.13
C GLY B 123 -24.45 7.87 -27.66
N VAL B 124 -23.13 7.94 -27.73
CA VAL B 124 -22.39 9.14 -27.25
C VAL B 124 -22.58 10.24 -28.28
N SER B 125 -22.50 9.91 -29.56
CA SER B 125 -22.86 10.84 -30.66
C SER B 125 -24.17 11.57 -30.34
N ARG B 126 -25.22 10.88 -29.89
CA ARG B 126 -26.53 11.49 -29.54
C ARG B 126 -26.36 12.38 -28.32
N LEU B 127 -25.65 11.90 -27.30
CA LEU B 127 -25.40 12.67 -26.05
C LEU B 127 -24.62 13.95 -26.41
N ALA B 128 -23.65 13.83 -27.31
CA ALA B 128 -22.80 14.94 -27.78
C ALA B 128 -23.66 16.03 -28.42
N LEU B 129 -24.59 15.67 -29.30
CA LEU B 129 -25.37 16.68 -30.07
C LEU B 129 -26.49 17.31 -29.24
N ARG B 130 -26.77 16.81 -28.03
CA ARG B 130 -27.72 17.45 -27.07
C ARG B 130 -26.99 18.52 -26.22
N MET B 131 -25.78 18.90 -26.63
CA MET B 131 -24.87 19.84 -25.92
C MET B 131 -24.11 20.66 -26.94
N PRO B 132 -23.69 21.87 -26.57
CA PRO B 132 -22.83 22.66 -27.43
C PRO B 132 -21.48 21.99 -27.58
N PRO B 133 -20.75 22.26 -28.66
CA PRO B 133 -19.41 21.73 -28.84
C PRO B 133 -18.57 21.88 -27.57
N SER B 134 -18.74 23.03 -26.89
CA SER B 134 -17.83 23.54 -25.83
C SER B 134 -17.88 22.61 -24.62
N ALA B 135 -19.06 22.13 -24.24
CA ALA B 135 -19.27 21.09 -23.20
C ALA B 135 -18.09 20.11 -23.22
N LEU B 136 -17.94 19.31 -24.26
CA LEU B 136 -16.92 18.23 -24.26
C LEU B 136 -15.52 18.81 -24.26
N MET B 137 -15.33 19.99 -24.85
CA MET B 137 -13.99 20.62 -24.93
C MET B 137 -13.64 21.18 -23.54
N GLU B 138 -14.63 21.44 -22.70
CA GLU B 138 -14.42 21.97 -21.34
C GLU B 138 -14.01 20.78 -20.49
N THR B 139 -14.77 19.69 -20.61
CA THR B 139 -14.52 18.39 -19.93
C THR B 139 -13.11 17.89 -20.31
N TYR B 140 -12.73 17.94 -21.58
CA TYR B 140 -11.45 17.37 -22.05
C TYR B 140 -10.35 18.23 -21.41
N GLN B 141 -10.43 19.55 -21.48
CA GLN B 141 -9.39 20.43 -20.85
C GLN B 141 -9.29 20.04 -19.38
N ASN B 142 -10.40 20.07 -18.66
CA ASN B 142 -10.52 19.83 -17.21
C ASN B 142 -9.96 18.45 -16.79
N ALA B 143 -10.16 17.43 -17.63
CA ALA B 143 -9.72 16.03 -17.43
C ALA B 143 -8.20 15.89 -17.66
N GLY B 144 -7.57 16.88 -18.26
CA GLY B 144 -6.16 16.79 -18.64
C GLY B 144 -6.03 16.03 -19.94
N LEU B 145 -6.45 16.69 -21.04
CA LEU B 145 -6.28 16.34 -22.48
C LEU B 145 -6.17 17.65 -23.28
N SER B 146 -5.09 18.41 -23.09
CA SER B 146 -4.65 19.55 -23.94
C SER B 146 -3.29 19.21 -24.56
N LYS B 166 -14.37 26.38 -33.81
CA LYS B 166 -15.23 27.56 -33.50
C LYS B 166 -16.67 27.28 -33.97
N ARG B 167 -16.88 27.09 -35.29
CA ARG B 167 -18.19 26.68 -35.88
C ARG B 167 -18.11 25.22 -36.32
N TRP B 168 -18.61 24.34 -35.46
CA TRP B 168 -18.53 22.88 -35.59
C TRP B 168 -19.65 22.38 -36.49
N ALA B 169 -19.35 21.38 -37.31
CA ALA B 169 -20.33 20.59 -38.08
C ALA B 169 -20.91 19.46 -37.22
N ASP B 170 -22.11 19.00 -37.54
CA ASP B 170 -22.75 17.83 -36.91
C ASP B 170 -21.70 16.73 -36.71
N ILE B 171 -21.02 16.29 -37.77
CA ILE B 171 -20.17 15.05 -37.69
C ILE B 171 -19.00 15.32 -36.74
N GLU B 172 -18.33 16.47 -36.85
CA GLU B 172 -17.13 16.78 -36.01
C GLU B 172 -17.53 16.85 -34.53
N ARG B 173 -18.80 17.12 -34.26
CA ARG B 173 -19.33 17.17 -32.90
C ARG B 173 -19.45 15.73 -32.36
N ALA B 174 -19.52 14.72 -33.24
CA ALA B 174 -19.79 13.30 -32.92
C ALA B 174 -18.49 12.51 -32.88
N THR B 175 -17.59 12.80 -33.80
CA THR B 175 -16.29 12.13 -33.90
C THR B 175 -15.49 12.36 -32.62
N VAL B 176 -15.60 13.54 -32.03
CA VAL B 176 -14.83 13.99 -30.84
C VAL B 176 -15.42 13.30 -29.61
N ALA B 177 -16.70 12.95 -29.70
CA ALA B 177 -17.48 12.21 -28.71
C ALA B 177 -17.06 10.73 -28.63
N TYR B 178 -16.56 10.14 -29.72
CA TYR B 178 -15.95 8.78 -29.68
C TYR B 178 -14.47 8.85 -30.05
N GLY B 179 -13.79 9.93 -29.65
CA GLY B 179 -12.31 10.00 -29.60
C GLY B 179 -11.66 10.01 -30.96
N TYR B 180 -12.46 9.99 -32.03
CA TYR B 180 -12.00 10.02 -33.45
C TYR B 180 -11.60 11.46 -33.79
N GLY B 181 -10.47 11.62 -34.44
CA GLY B 181 -10.05 12.90 -35.03
C GLY B 181 -9.31 13.78 -34.05
N ILE B 182 -9.05 13.31 -32.83
CA ILE B 182 -8.17 14.01 -31.84
C ILE B 182 -6.95 13.14 -31.55
N THR B 183 -6.00 13.66 -30.78
CA THR B 183 -4.81 12.90 -30.32
C THR B 183 -4.57 13.18 -28.85
N ALA B 184 -4.12 12.14 -28.13
CA ALA B 184 -3.68 12.20 -26.71
C ALA B 184 -2.46 11.28 -26.51
N THR B 185 -1.67 11.59 -25.47
CA THR B 185 -0.47 10.87 -24.98
C THR B 185 -0.91 9.88 -23.90
N PRO B 186 -0.43 8.62 -23.88
CA PRO B 186 -0.77 7.69 -22.81
C PRO B 186 -0.65 8.32 -21.42
N LEU B 187 0.23 9.31 -21.27
CA LEU B 187 0.31 10.10 -20.01
C LEU B 187 -1.01 10.83 -19.82
N GLN B 188 -1.45 11.56 -20.86
CA GLN B 188 -2.69 12.39 -20.85
C GLN B 188 -3.91 11.55 -20.44
N ILE B 189 -4.05 10.32 -20.96
CA ILE B 189 -5.23 9.45 -20.71
C ILE B 189 -5.18 8.88 -19.28
N ALA B 190 -4.02 8.42 -18.81
CA ALA B 190 -3.79 8.02 -17.41
C ALA B 190 -4.32 9.09 -16.45
N ARG B 191 -3.79 10.30 -16.58
CA ARG B 191 -4.18 11.51 -15.81
C ARG B 191 -5.69 11.72 -15.89
N ALA B 192 -6.24 11.62 -17.10
CA ALA B 192 -7.70 11.74 -17.32
C ALA B 192 -8.38 10.66 -16.49
N TYR B 193 -7.81 9.46 -16.47
CA TYR B 193 -8.41 8.29 -15.80
C TYR B 193 -8.20 8.43 -14.31
N ALA B 194 -7.06 9.00 -13.92
CA ALA B 194 -6.76 9.30 -12.49
C ALA B 194 -7.90 10.13 -11.91
N THR B 195 -8.34 11.13 -12.68
CA THR B 195 -9.43 12.10 -12.31
C THR B 195 -10.73 11.31 -12.08
N LEU B 196 -11.03 10.29 -12.88
CA LEU B 196 -12.26 9.49 -12.69
C LEU B 196 -12.16 8.75 -11.35
N GLY B 197 -10.96 8.23 -11.05
CA GLY B 197 -10.69 7.39 -9.88
C GLY B 197 -10.58 8.24 -8.63
N SER B 198 -10.12 9.49 -8.75
CA SER B 198 -9.97 10.46 -7.63
C SER B 198 -11.32 11.13 -7.38
N PHE B 199 -12.41 10.53 -7.89
CA PHE B 199 -13.84 10.95 -7.81
C PHE B 199 -14.04 12.42 -8.19
N GLY B 200 -13.30 12.92 -9.17
CA GLY B 200 -13.58 14.19 -9.83
C GLY B 200 -12.52 15.24 -9.59
N VAL B 201 -11.37 14.88 -9.07
CA VAL B 201 -10.34 15.86 -8.62
C VAL B 201 -9.16 15.76 -9.56
N TYR B 202 -8.61 16.88 -9.98
CA TYR B 202 -7.55 16.89 -10.99
C TYR B 202 -6.23 17.27 -10.31
N ARG B 203 -5.35 16.27 -10.18
CA ARG B 203 -3.95 16.43 -9.73
C ARG B 203 -3.06 16.27 -10.94
N PRO B 204 -2.19 17.27 -11.22
CA PRO B 204 -1.22 17.18 -12.31
C PRO B 204 -0.30 15.98 -12.06
N LEU B 205 0.13 15.29 -13.12
CA LEU B 205 1.17 14.25 -13.02
C LEU B 205 2.50 14.95 -12.71
N SER B 206 3.27 14.45 -11.73
CA SER B 206 4.70 14.77 -11.55
C SER B 206 5.50 13.46 -11.57
N PHE B 207 6.73 13.52 -12.08
CA PHE B 207 7.62 12.35 -12.20
C PHE B 207 8.43 12.21 -10.89
N GLU B 208 8.53 13.30 -10.11
CA GLU B 208 9.23 13.35 -8.79
C GLU B 208 8.31 12.84 -7.67
N LYS B 209 8.91 12.22 -6.65
CA LYS B 209 8.25 11.67 -5.44
C LYS B 209 7.50 12.81 -4.75
N GLN B 210 6.28 12.54 -4.26
CA GLN B 210 5.45 13.43 -3.41
C GLN B 210 4.78 12.57 -2.35
N ASP B 211 4.35 13.17 -1.23
CA ASP B 211 3.70 12.45 -0.09
C ASP B 211 2.23 12.90 -0.03
N PRO B 212 1.29 12.10 0.53
CA PRO B 212 -0.07 12.59 0.72
C PRO B 212 -0.17 13.63 1.84
N PRO B 213 -1.13 14.59 1.76
CA PRO B 213 -2.03 14.73 0.61
C PRO B 213 -1.58 15.86 -0.33
N VAL B 214 -1.98 15.75 -1.63
CA VAL B 214 -1.86 16.77 -2.71
C VAL B 214 -3.25 17.31 -3.04
N ILE B 215 -3.38 18.63 -3.22
CA ILE B 215 -4.69 19.35 -3.11
C ILE B 215 -5.52 19.10 -4.37
N GLY B 216 -4.96 19.43 -5.54
CA GLY B 216 -5.68 19.34 -6.83
C GLY B 216 -7.00 20.11 -6.77
N LYS B 217 -7.81 20.02 -7.83
CA LYS B 217 -9.00 20.91 -8.04
C LYS B 217 -10.23 20.06 -8.34
N ARG B 218 -11.28 20.14 -7.53
CA ARG B 218 -12.60 19.51 -7.86
C ARG B 218 -12.87 19.96 -9.29
N VAL B 219 -13.13 19.02 -10.20
CA VAL B 219 -13.41 19.32 -11.63
C VAL B 219 -14.70 18.62 -12.08
N PHE B 220 -15.26 17.70 -11.30
CA PHE B 220 -16.52 16.99 -11.65
C PHE B 220 -17.34 16.65 -10.39
N SER B 221 -18.61 16.34 -10.54
CA SER B 221 -19.47 15.88 -9.43
C SER B 221 -18.84 14.65 -8.78
N GLU B 222 -18.63 14.65 -7.46
CA GLU B 222 -18.28 13.41 -6.71
C GLU B 222 -19.30 12.34 -7.13
N LYS B 223 -20.58 12.58 -6.88
CA LYS B 223 -21.66 11.58 -7.03
C LYS B 223 -21.70 11.01 -8.46
N ILE B 224 -21.57 11.86 -9.48
CA ILE B 224 -21.69 11.45 -10.91
C ILE B 224 -20.38 10.77 -11.37
N THR B 225 -19.20 11.24 -10.93
CA THR B 225 -17.87 10.60 -11.21
C THR B 225 -17.80 9.21 -10.57
N LYS B 226 -18.23 9.04 -9.32
CA LYS B 226 -18.29 7.72 -8.63
C LYS B 226 -19.22 6.80 -9.39
N ASP B 227 -20.30 7.36 -9.93
CA ASP B 227 -21.32 6.61 -10.69
C ASP B 227 -20.64 6.10 -11.97
N ILE B 228 -19.95 7.00 -12.68
CA ILE B 228 -19.21 6.74 -13.96
C ILE B 228 -18.25 5.57 -13.68
N VAL B 229 -17.43 5.70 -12.65
CA VAL B 229 -16.46 4.65 -12.22
C VAL B 229 -17.28 3.39 -11.96
N GLY B 230 -18.39 3.55 -11.25
CA GLY B 230 -19.41 2.50 -11.09
C GLY B 230 -19.58 1.70 -12.37
N ILE B 231 -19.74 2.37 -13.52
CA ILE B 231 -20.16 1.73 -14.80
C ILE B 231 -18.95 0.98 -15.36
N LEU B 232 -17.78 1.60 -15.28
CA LEU B 232 -16.50 1.02 -15.72
C LEU B 232 -16.27 -0.34 -15.06
N GLU B 233 -16.66 -0.51 -13.79
CA GLU B 233 -16.68 -1.82 -13.11
C GLU B 233 -17.54 -2.77 -13.92
N LYS B 234 -18.77 -2.35 -14.18
CA LYS B 234 -19.81 -3.19 -14.85
C LYS B 234 -19.29 -3.55 -16.25
N VAL B 235 -18.41 -2.71 -16.82
CA VAL B 235 -17.78 -2.93 -18.16
C VAL B 235 -16.76 -4.05 -18.04
N ALA B 236 -15.87 -3.92 -17.06
CA ALA B 236 -14.83 -4.92 -16.71
C ALA B 236 -15.51 -6.27 -16.49
N ILE B 237 -16.61 -6.31 -15.72
CA ILE B 237 -17.31 -7.56 -15.29
C ILE B 237 -17.85 -8.23 -16.54
N LYS B 238 -18.58 -7.50 -17.38
CA LYS B 238 -18.83 -7.88 -18.80
C LYS B 238 -17.46 -8.02 -19.46
N ASN B 239 -17.30 -8.97 -20.38
CA ASN B 239 -16.01 -9.25 -21.09
C ASN B 239 -14.88 -9.26 -20.04
N LYS B 240 -14.95 -10.19 -19.10
CA LYS B 240 -14.02 -10.23 -17.94
C LYS B 240 -12.65 -10.66 -18.43
N ARG B 241 -11.80 -9.73 -18.86
CA ARG B 241 -10.41 -10.04 -19.30
C ARG B 241 -9.43 -9.09 -18.64
N ALA B 242 -9.91 -7.96 -18.14
CA ALA B 242 -9.07 -6.93 -17.50
C ALA B 242 -9.08 -7.16 -15.98
N MET B 243 -9.96 -8.02 -15.50
CA MET B 243 -10.19 -8.21 -14.03
C MET B 243 -8.94 -8.78 -13.36
N VAL B 244 -8.70 -8.38 -12.11
CA VAL B 244 -7.74 -8.99 -11.14
C VAL B 244 -8.52 -9.89 -10.17
N GLU B 245 -7.96 -11.05 -9.80
CA GLU B 245 -8.58 -11.97 -8.80
C GLU B 245 -8.65 -11.26 -7.43
N GLY B 246 -9.85 -11.23 -6.84
CA GLY B 246 -10.10 -10.69 -5.49
C GLY B 246 -10.05 -9.16 -5.46
N TYR B 247 -9.98 -8.50 -6.61
CA TYR B 247 -10.02 -7.02 -6.70
C TYR B 247 -11.22 -6.54 -7.53
N ARG B 248 -11.57 -5.29 -7.25
CA ARG B 248 -12.61 -4.49 -7.94
C ARG B 248 -11.93 -3.50 -8.87
N VAL B 249 -12.21 -3.69 -10.16
CA VAL B 249 -11.48 -3.07 -11.29
C VAL B 249 -12.53 -2.57 -12.28
N GLY B 250 -12.29 -1.41 -12.89
CA GLY B 250 -13.16 -0.89 -13.95
C GLY B 250 -12.31 -0.30 -15.04
N VAL B 251 -12.74 -0.45 -16.28
CA VAL B 251 -11.85 -0.17 -17.44
C VAL B 251 -12.66 0.29 -18.63
N LYS B 252 -11.96 0.93 -19.56
CA LYS B 252 -12.49 1.20 -20.91
C LYS B 252 -11.42 0.74 -21.92
N THR B 253 -11.77 -0.21 -22.78
CA THR B 253 -10.90 -0.76 -23.84
C THR B 253 -11.49 -0.39 -25.20
N GLY B 254 -10.64 -0.07 -26.17
CA GLY B 254 -11.05 0.14 -27.58
C GLY B 254 -9.94 -0.18 -28.55
N THR B 255 -10.16 0.14 -29.83
CA THR B 255 -9.08 0.23 -30.83
C THR B 255 -9.32 1.52 -31.61
N ALA B 256 -8.27 2.06 -32.19
CA ALA B 256 -8.31 3.21 -33.12
C ALA B 256 -7.23 2.96 -34.15
N ARG B 257 -7.38 3.56 -35.32
CA ARG B 257 -6.29 3.66 -36.33
C ARG B 257 -5.10 4.43 -35.70
N LYS B 258 -3.88 3.97 -36.00
CA LYS B 258 -2.60 4.59 -35.55
C LYS B 258 -2.39 5.84 -36.42
N ILE B 259 -1.93 6.92 -35.81
CA ILE B 259 -1.53 8.17 -36.52
C ILE B 259 -0.03 8.03 -36.79
N GLU B 260 0.42 7.92 -38.05
CA GLU B 260 1.86 7.59 -38.27
C GLU B 260 2.66 8.90 -38.42
N ASN B 261 2.38 9.73 -39.44
CA ASN B 261 3.11 11.02 -39.67
C ASN B 261 2.12 12.19 -39.57
N GLY B 262 1.10 12.05 -38.71
CA GLY B 262 -0.04 12.98 -38.65
C GLY B 262 -1.20 12.49 -39.50
N HIS B 263 -1.07 11.35 -40.17
CA HIS B 263 -2.21 10.72 -40.89
C HIS B 263 -2.55 9.38 -40.26
N TYR B 264 -3.81 9.00 -40.37
CA TYR B 264 -4.29 7.72 -39.88
C TYR B 264 -3.72 6.62 -40.76
N VAL B 265 -3.59 5.43 -40.19
CA VAL B 265 -2.96 4.31 -40.87
C VAL B 265 -3.84 3.09 -40.81
N ASN B 266 -3.60 2.15 -41.72
CA ASN B 266 -4.35 0.90 -41.74
C ASN B 266 -4.11 0.22 -40.41
N LYS B 267 -2.88 0.36 -39.90
CA LYS B 267 -2.52 -0.22 -38.62
C LYS B 267 -3.35 0.35 -37.47
N TYR B 268 -3.74 -0.54 -36.58
CA TYR B 268 -4.58 -0.26 -35.39
C TYR B 268 -3.68 -0.03 -34.18
N VAL B 269 -4.27 0.44 -33.08
CA VAL B 269 -3.67 0.44 -31.72
C VAL B 269 -4.70 -0.11 -30.75
N ALA B 270 -4.27 -0.99 -29.85
CA ALA B 270 -5.11 -1.59 -28.79
C ALA B 270 -4.75 -0.90 -27.46
N PHE B 271 -5.77 -0.56 -26.67
CA PHE B 271 -5.65 0.17 -25.37
C PHE B 271 -6.78 -0.23 -24.41
N THR B 272 -6.41 -0.49 -23.16
CA THR B 272 -7.36 -0.47 -22.02
C THR B 272 -6.84 0.56 -21.01
N ALA B 273 -7.72 1.48 -20.63
CA ALA B 273 -7.53 2.41 -19.51
C ALA B 273 -8.42 1.96 -18.35
N GLY B 274 -7.98 2.20 -17.13
CA GLY B 274 -8.88 1.93 -16.00
C GLY B 274 -8.24 2.25 -14.66
N ILE B 275 -8.98 1.82 -13.65
CA ILE B 275 -8.96 2.31 -12.26
C ILE B 275 -9.03 1.08 -11.35
N ALA B 276 -8.24 1.10 -10.28
CA ALA B 276 -8.47 0.18 -9.14
C ALA B 276 -7.75 0.61 -7.86
N PRO B 277 -8.23 0.09 -6.71
CA PRO B 277 -9.45 -0.72 -6.67
C PRO B 277 -10.74 0.14 -6.48
N ILE B 278 -11.87 -0.35 -7.00
CA ILE B 278 -13.13 0.47 -7.18
C ILE B 278 -13.68 0.97 -5.83
N SER B 279 -13.64 0.16 -4.78
CA SER B 279 -14.06 0.54 -3.41
C SER B 279 -13.31 1.82 -2.97
N ASP B 280 -12.04 1.99 -3.34
CA ASP B 280 -11.22 3.19 -3.02
C ASP B 280 -10.03 3.25 -3.97
N PRO B 281 -10.23 3.68 -5.24
CA PRO B 281 -9.19 3.63 -6.27
C PRO B 281 -7.84 4.27 -5.93
N ARG B 282 -6.77 3.51 -6.17
CA ARG B 282 -5.38 3.85 -5.81
C ARG B 282 -4.61 4.07 -7.11
N TYR B 283 -4.80 3.18 -8.07
CA TYR B 283 -4.01 3.18 -9.32
C TYR B 283 -4.93 3.51 -10.48
N ALA B 284 -4.44 4.38 -11.36
CA ALA B 284 -4.92 4.50 -12.76
C ALA B 284 -3.80 4.01 -13.68
N LEU B 285 -4.16 3.23 -14.70
CA LEU B 285 -3.25 2.50 -15.62
C LEU B 285 -3.75 2.64 -17.06
N VAL B 286 -2.82 2.90 -17.99
CA VAL B 286 -3.02 2.95 -19.48
C VAL B 286 -2.10 1.92 -20.14
N VAL B 287 -2.67 0.96 -20.88
CA VAL B 287 -1.93 -0.05 -21.68
C VAL B 287 -2.21 0.21 -23.17
N LEU B 288 -1.15 0.47 -23.92
CA LEU B 288 -1.20 0.69 -25.39
C LEU B 288 -0.30 -0.34 -26.10
N ILE B 289 -0.85 -0.93 -27.17
CA ILE B 289 -0.21 -1.95 -28.04
C ILE B 289 -0.42 -1.45 -29.46
N ASN B 290 0.66 -1.05 -30.15
CA ASN B 290 0.66 -0.47 -31.52
C ASN B 290 0.86 -1.57 -32.56
N ASP B 291 -0.07 -1.70 -33.54
CA ASP B 291 -0.10 -2.75 -34.61
C ASP B 291 0.11 -4.14 -34.02
N PRO B 292 -0.80 -4.66 -33.20
CA PRO B 292 -0.74 -6.06 -32.81
C PRO B 292 -0.63 -7.06 -34.00
N GLY B 300 -10.91 -6.48 -31.96
CA GLY B 300 -10.81 -7.23 -30.69
C GLY B 300 -9.61 -6.81 -29.86
N ALA B 301 -9.82 -6.58 -28.56
CA ALA B 301 -8.85 -5.97 -27.61
C ALA B 301 -8.01 -7.04 -26.90
N VAL B 302 -6.70 -7.02 -27.12
CA VAL B 302 -5.71 -7.94 -26.49
C VAL B 302 -5.00 -7.14 -25.39
N SER B 303 -5.46 -5.92 -25.14
CA SER B 303 -4.83 -4.94 -24.22
C SER B 303 -5.20 -5.28 -22.77
N ALA B 304 -6.43 -5.76 -22.60
CA ALA B 304 -7.06 -6.14 -21.32
C ALA B 304 -6.10 -7.01 -20.50
N PRO B 305 -5.83 -8.28 -20.88
CA PRO B 305 -5.00 -9.16 -20.05
C PRO B 305 -3.75 -8.45 -19.54
N VAL B 306 -3.17 -7.55 -20.33
CA VAL B 306 -1.90 -6.89 -19.93
C VAL B 306 -2.16 -5.93 -18.77
N PHE B 307 -3.33 -5.26 -18.79
CA PHE B 307 -3.83 -4.36 -17.70
C PHE B 307 -4.00 -5.22 -16.44
N SER B 308 -4.80 -6.29 -16.56
CA SER B 308 -5.16 -7.21 -15.45
C SER B 308 -3.88 -7.71 -14.78
N ASN B 309 -2.89 -8.12 -15.59
CA ASN B 309 -1.59 -8.60 -15.05
C ASN B 309 -0.92 -7.41 -14.36
N ILE B 310 -0.74 -6.28 -15.06
CA ILE B 310 -0.01 -5.10 -14.50
C ILE B 310 -0.72 -4.56 -13.25
N MET B 311 -2.06 -4.58 -13.21
CA MET B 311 -2.84 -4.13 -12.01
C MET B 311 -2.62 -5.15 -10.90
N GLY B 312 -2.99 -6.42 -11.13
CA GLY B 312 -2.83 -7.53 -10.18
C GLY B 312 -1.59 -7.38 -9.30
N TYR B 313 -0.43 -7.20 -9.91
CA TYR B 313 0.88 -7.23 -9.21
C TYR B 313 1.14 -5.92 -8.46
N ALA B 314 0.70 -4.78 -9.00
CA ALA B 314 0.89 -3.43 -8.39
C ALA B 314 0.01 -3.29 -7.14
N LEU B 315 -1.18 -3.90 -7.17
CA LEU B 315 -2.17 -3.92 -6.06
C LEU B 315 -1.66 -4.85 -4.97
N ARG B 316 -1.10 -5.98 -5.39
CA ARG B 316 -0.61 -7.03 -4.46
C ARG B 316 0.75 -6.55 -3.93
N ALA B 317 1.58 -5.97 -4.80
CA ALA B 317 2.93 -5.45 -4.50
C ALA B 317 2.88 -4.48 -3.31
N ASN B 318 1.86 -3.63 -3.26
CA ASN B 318 1.72 -2.59 -2.22
C ASN B 318 0.66 -3.03 -1.24
N ALA B 319 0.38 -4.34 -1.18
CA ALA B 319 -0.56 -4.95 -0.23
C ALA B 319 -1.84 -4.10 -0.15
N ILE B 320 -2.46 -3.84 -1.30
CA ILE B 320 -3.72 -3.05 -1.40
C ILE B 320 -4.86 -4.00 -1.02
N PRO B 321 -5.60 -3.69 0.07
CA PRO B 321 -6.66 -4.58 0.54
C PRO B 321 -7.64 -5.02 -0.56
N GLN B 322 -8.03 -6.28 -0.55
CA GLN B 322 -8.91 -6.90 -1.58
C GLN B 322 -10.35 -6.41 -1.37
N ASP B 323 -11.08 -6.08 -2.44
CA ASP B 323 -12.41 -5.40 -2.38
C ASP B 323 -13.55 -6.39 -2.67
N ALA B 324 -13.25 -7.64 -3.06
CA ALA B 324 -14.23 -8.73 -3.27
C ALA B 324 -13.48 -10.04 -3.53
N ASP C 11 -1.41 -2.23 11.58
CA ASP C 11 -2.85 -2.19 12.04
C ASP C 11 -3.70 -1.27 11.15
N GLN C 12 -3.10 -0.49 10.24
CA GLN C 12 -3.86 0.37 9.30
C GLN C 12 -4.66 -0.50 8.33
N ARG C 13 -4.24 -1.75 8.14
CA ARG C 13 -4.87 -2.75 7.22
C ARG C 13 -6.30 -3.05 7.67
N ILE C 14 -6.49 -3.16 9.00
CA ILE C 14 -7.78 -3.39 9.74
C ILE C 14 -8.71 -2.20 9.53
N GLN C 15 -8.23 -0.97 9.84
CA GLN C 15 -9.02 0.28 9.86
C GLN C 15 -9.78 0.48 8.54
N THR C 16 -9.16 0.15 7.38
CA THR C 16 -9.79 0.23 6.03
C THR C 16 -10.92 -0.79 5.87
N MET C 17 -10.70 -2.07 6.26
CA MET C 17 -11.77 -3.10 6.34
C MET C 17 -12.90 -2.61 7.28
N VAL C 18 -12.57 -2.25 8.54
CA VAL C 18 -13.57 -1.78 9.54
C VAL C 18 -14.39 -0.67 8.89
N TYR C 19 -13.70 0.35 8.36
CA TYR C 19 -14.37 1.43 7.62
C TYR C 19 -15.18 0.79 6.48
N ARG C 20 -14.58 -0.10 5.68
CA ARG C 20 -15.20 -0.61 4.44
C ARG C 20 -16.47 -1.41 4.76
N GLU C 21 -16.46 -2.19 5.85
CA GLU C 21 -17.59 -3.07 6.27
C GLU C 21 -18.77 -2.23 6.79
N ILE C 22 -18.49 -1.28 7.69
CA ILE C 22 -19.52 -0.41 8.33
C ILE C 22 -20.18 0.47 7.26
N LYS C 23 -19.38 1.00 6.34
CA LYS C 23 -19.85 1.78 5.16
C LYS C 23 -20.82 0.88 4.40
N LYS C 24 -20.34 -0.26 3.92
CA LYS C 24 -21.12 -1.29 3.18
C LYS C 24 -22.39 -1.63 3.96
N ALA C 25 -22.23 -1.96 5.25
CA ALA C 25 -23.29 -2.28 6.22
C ALA C 25 -24.42 -1.25 6.14
N VAL C 26 -24.09 0.04 6.15
CA VAL C 26 -25.05 1.17 6.09
C VAL C 26 -25.78 1.17 4.74
N GLU C 27 -25.05 0.94 3.65
CA GLU C 27 -25.64 0.91 2.29
C GLU C 27 -26.61 -0.28 2.21
N GLU C 28 -26.10 -1.48 2.52
CA GLU C 28 -26.88 -2.77 2.50
C GLU C 28 -28.10 -2.67 3.40
N ASN C 29 -28.08 -1.79 4.40
CA ASN C 29 -29.19 -1.60 5.35
C ASN C 29 -30.04 -0.40 4.92
N ASN C 30 -29.38 0.66 4.41
CA ASN C 30 -30.00 1.95 3.99
C ASN C 30 -30.33 2.76 5.25
N ALA C 31 -29.30 3.23 5.95
CA ALA C 31 -29.37 3.75 7.33
C ALA C 31 -28.78 5.15 7.38
N GLU C 32 -29.13 5.94 8.39
CA GLU C 32 -28.63 7.34 8.53
C GLU C 32 -27.09 7.25 8.62
N SER C 33 -26.57 6.57 9.64
CA SER C 33 -25.11 6.38 9.89
C SER C 33 -24.87 4.99 10.48
N GLY C 34 -23.60 4.61 10.55
CA GLY C 34 -23.12 3.42 11.30
C GLY C 34 -21.73 3.67 11.85
N THR C 35 -21.36 2.99 12.94
CA THR C 35 -20.09 3.17 13.69
C THR C 35 -19.59 1.82 14.19
N ALA C 36 -18.29 1.58 14.04
CA ALA C 36 -17.50 0.47 14.61
C ALA C 36 -16.46 1.06 15.59
N VAL C 37 -16.18 0.34 16.69
CA VAL C 37 -15.04 0.64 17.61
C VAL C 37 -14.45 -0.68 18.12
N LEU C 38 -13.27 -1.02 17.63
CA LEU C 38 -12.44 -2.15 18.09
C LEU C 38 -11.49 -1.62 19.18
N VAL C 39 -11.57 -2.18 20.39
CA VAL C 39 -10.66 -1.84 21.52
C VAL C 39 -9.88 -3.12 21.86
N ASP C 40 -8.59 -2.95 22.19
CA ASP C 40 -7.72 -4.05 22.66
C ASP C 40 -7.88 -4.13 24.19
N VAL C 41 -8.11 -5.34 24.70
CA VAL C 41 -8.61 -5.58 26.07
C VAL C 41 -7.44 -5.43 27.06
N ARG C 42 -6.29 -6.02 26.75
CA ARG C 42 -5.09 -5.97 27.63
C ARG C 42 -4.57 -4.51 27.68
N THR C 43 -4.77 -3.74 26.61
CA THR C 43 -4.11 -2.41 26.38
C THR C 43 -5.07 -1.24 26.63
N GLY C 44 -6.35 -1.34 26.25
CA GLY C 44 -7.26 -0.18 26.14
C GLY C 44 -7.03 0.63 24.87
N GLU C 45 -6.23 0.10 23.96
CA GLU C 45 -5.78 0.84 22.76
C GLU C 45 -6.90 0.74 21.74
N VAL C 46 -7.35 1.87 21.19
CA VAL C 46 -8.44 1.84 20.19
C VAL C 46 -7.82 1.45 18.85
N LEU C 47 -8.03 0.19 18.41
CA LEU C 47 -7.45 -0.37 17.17
C LEU C 47 -8.17 0.23 15.96
N ALA C 48 -9.49 0.34 16.01
CA ALA C 48 -10.28 0.94 14.91
C ALA C 48 -11.30 1.91 15.50
N MET C 49 -11.67 2.92 14.69
CA MET C 49 -12.86 3.80 14.81
C MET C 49 -13.31 4.17 13.40
N ALA C 50 -14.58 4.08 13.11
CA ALA C 50 -15.10 4.33 11.76
C ALA C 50 -16.56 4.73 11.94
N THR C 51 -16.98 5.79 11.25
CA THR C 51 -18.37 6.28 11.21
C THR C 51 -18.64 6.54 9.74
N ALA C 52 -19.81 6.14 9.25
CA ALA C 52 -20.14 6.12 7.82
C ALA C 52 -21.21 7.13 7.50
N PRO C 53 -20.89 8.45 7.33
CA PRO C 53 -21.87 9.39 6.81
C PRO C 53 -22.22 8.75 5.46
N GLY C 54 -21.19 8.42 4.65
CA GLY C 54 -21.30 7.78 3.33
C GLY C 54 -20.01 7.09 2.91
N ASP C 61 -22.75 9.88 17.90
CA ASP C 61 -23.81 10.68 18.54
C ASP C 61 -24.41 9.83 19.69
N THR C 62 -25.32 10.41 20.45
CA THR C 62 -25.96 9.82 21.65
C THR C 62 -27.06 8.85 21.22
N PHE C 63 -27.16 7.71 21.93
CA PHE C 63 -28.25 6.72 21.78
C PHE C 63 -28.35 5.86 23.04
N GLU C 64 -29.46 5.12 23.13
CA GLU C 64 -29.82 4.32 24.34
C GLU C 64 -29.05 3.01 24.36
N PRO C 65 -28.24 2.78 25.42
CA PRO C 65 -27.39 1.60 25.52
C PRO C 65 -28.18 0.32 25.25
N GLY C 66 -29.42 0.30 25.71
CA GLY C 66 -30.37 -0.82 25.57
C GLY C 66 -29.85 -2.07 26.26
N SER C 67 -29.89 -3.19 25.54
CA SER C 67 -29.52 -4.54 26.02
C SER C 67 -28.05 -4.61 26.48
N THR C 68 -27.19 -3.64 26.15
CA THR C 68 -25.74 -3.76 26.41
C THR C 68 -25.47 -3.51 27.89
N VAL C 69 -26.43 -2.96 28.61
CA VAL C 69 -26.35 -2.81 30.08
C VAL C 69 -26.57 -4.15 30.81
N LYS C 70 -27.46 -4.99 30.27
CA LYS C 70 -28.03 -6.18 30.95
C LYS C 70 -26.95 -7.07 31.58
N PRO C 71 -25.84 -7.38 30.87
CA PRO C 71 -24.75 -8.15 31.45
C PRO C 71 -24.14 -7.57 32.73
N PHE C 72 -24.15 -6.24 32.91
CA PHE C 72 -23.55 -5.58 34.08
C PHE C 72 -24.57 -5.57 35.22
N VAL C 73 -25.84 -5.77 34.91
CA VAL C 73 -26.93 -5.81 35.94
C VAL C 73 -26.70 -7.07 36.77
N VAL C 74 -26.70 -8.19 36.05
CA VAL C 74 -26.46 -9.56 36.55
C VAL C 74 -25.13 -9.56 37.29
N LEU C 75 -24.12 -8.90 36.71
CA LEU C 75 -22.72 -8.88 37.22
C LEU C 75 -22.66 -8.05 38.52
N THR C 76 -23.53 -7.06 38.67
CA THR C 76 -23.66 -6.25 39.91
C THR C 76 -24.49 -7.01 40.94
N ALA C 77 -25.60 -7.63 40.54
CA ALA C 77 -26.51 -8.34 41.47
C ALA C 77 -25.75 -9.50 42.13
N LEU C 78 -25.08 -10.35 41.33
CA LEU C 78 -24.24 -11.47 41.82
C LEU C 78 -23.18 -10.95 42.80
N GLN C 79 -22.60 -9.79 42.53
CA GLN C 79 -21.40 -9.27 43.24
C GLN C 79 -21.80 -8.56 44.54
N ARG C 80 -23.04 -8.08 44.63
CA ARG C 80 -23.64 -7.52 45.87
C ARG C 80 -24.21 -8.66 46.74
N GLY C 81 -24.14 -9.90 46.26
CA GLY C 81 -24.67 -11.08 46.96
C GLY C 81 -26.17 -11.01 47.06
N VAL C 82 -26.81 -10.25 46.17
CA VAL C 82 -28.27 -9.91 46.22
C VAL C 82 -29.07 -10.99 45.47
N VAL C 83 -28.37 -11.95 44.89
CA VAL C 83 -28.98 -13.09 44.16
C VAL C 83 -27.97 -14.23 44.21
N LYS C 84 -28.40 -15.48 44.12
CA LYS C 84 -27.49 -16.66 44.11
C LYS C 84 -27.34 -17.14 42.68
N ARG C 85 -26.16 -17.64 42.32
CA ARG C 85 -25.83 -17.97 40.90
C ARG C 85 -26.89 -18.91 40.31
N ASP C 86 -27.46 -19.79 41.12
CA ASP C 86 -28.35 -20.89 40.69
C ASP C 86 -29.81 -20.45 40.86
N GLU C 87 -30.03 -19.26 41.39
CA GLU C 87 -31.37 -18.78 41.81
C GLU C 87 -32.23 -18.50 40.58
N ILE C 88 -33.53 -18.82 40.69
CA ILE C 88 -34.54 -18.82 39.59
C ILE C 88 -35.48 -17.62 39.82
N ILE C 89 -35.68 -16.79 38.78
CA ILE C 89 -36.36 -15.46 38.86
C ILE C 89 -37.66 -15.48 38.04
N ASP C 90 -38.70 -14.91 38.66
CA ASP C 90 -40.11 -14.90 38.20
C ASP C 90 -40.21 -13.84 37.09
N THR C 91 -40.13 -14.28 35.85
CA THR C 91 -40.17 -13.43 34.65
C THR C 91 -41.60 -13.45 34.11
N THR C 92 -42.58 -13.76 34.98
CA THR C 92 -44.03 -13.49 34.77
C THR C 92 -44.27 -11.98 34.94
N SER C 93 -45.25 -11.47 34.19
CA SER C 93 -45.62 -10.04 34.06
C SER C 93 -45.66 -9.37 35.44
N PHE C 94 -45.48 -8.06 35.43
CA PHE C 94 -45.68 -7.13 36.57
C PHE C 94 -45.55 -5.70 36.02
N LYS C 95 -45.84 -4.73 36.89
CA LYS C 95 -45.84 -3.29 36.56
C LYS C 95 -45.10 -2.54 37.67
N LEU C 96 -44.62 -1.35 37.36
CA LEU C 96 -43.79 -0.51 38.26
C LEU C 96 -44.18 0.94 37.98
N SER C 97 -44.58 1.67 39.02
CA SER C 97 -45.25 2.98 38.84
C SER C 97 -46.22 2.87 37.65
N GLY C 98 -47.04 1.80 37.63
CA GLY C 98 -48.12 1.52 36.67
C GLY C 98 -47.62 1.45 35.23
N LYS C 99 -46.39 1.00 35.00
CA LYS C 99 -45.81 0.74 33.65
C LYS C 99 -45.62 -0.77 33.49
N GLU C 100 -46.09 -1.34 32.38
CA GLU C 100 -45.91 -2.78 32.02
C GLU C 100 -44.49 -2.95 31.46
N ILE C 101 -43.62 -3.58 32.27
CA ILE C 101 -42.29 -4.13 31.89
C ILE C 101 -42.52 -5.31 30.93
N VAL C 102 -42.18 -5.18 29.66
CA VAL C 102 -42.51 -6.23 28.65
C VAL C 102 -41.26 -7.05 28.31
N ASP C 103 -41.45 -8.32 27.94
CA ASP C 103 -40.34 -9.17 27.50
C ASP C 103 -40.59 -9.72 26.08
N VAL C 104 -39.59 -9.60 25.21
CA VAL C 104 -39.72 -10.05 23.82
C VAL C 104 -39.92 -11.56 23.70
N ALA C 105 -39.17 -12.32 24.48
CA ALA C 105 -39.37 -13.81 24.59
C ALA C 105 -39.82 -14.16 26.01
N PRO C 106 -41.16 -14.18 26.27
CA PRO C 106 -41.70 -14.23 27.62
C PRO C 106 -41.75 -15.66 28.18
N ARG C 107 -41.10 -15.86 29.32
CA ARG C 107 -41.04 -17.16 30.05
C ARG C 107 -41.39 -16.86 31.52
N ALA C 108 -42.02 -17.83 32.20
CA ALA C 108 -42.57 -17.69 33.58
C ALA C 108 -41.41 -17.58 34.58
N GLN C 109 -40.55 -18.60 34.55
CA GLN C 109 -39.31 -18.79 35.37
C GLN C 109 -38.10 -18.71 34.43
N GLN C 110 -36.96 -18.30 34.99
CA GLN C 110 -35.73 -17.96 34.21
C GLN C 110 -34.52 -17.95 35.13
N THR C 111 -33.51 -18.75 34.79
CA THR C 111 -32.17 -18.74 35.43
C THR C 111 -31.45 -17.44 35.06
N LEU C 112 -30.51 -16.96 35.90
CA LEU C 112 -29.73 -15.73 35.58
C LEU C 112 -29.14 -15.85 34.18
N ASP C 113 -28.89 -17.06 33.72
CA ASP C 113 -28.26 -17.33 32.40
C ASP C 113 -29.30 -17.01 31.32
N GLU C 114 -30.53 -17.50 31.49
CA GLU C 114 -31.63 -17.33 30.51
C GLU C 114 -31.98 -15.83 30.40
N ILE C 115 -31.85 -15.07 31.49
CA ILE C 115 -32.16 -13.60 31.51
C ILE C 115 -31.31 -12.86 30.48
N LEU C 116 -30.10 -13.34 30.20
CA LEU C 116 -29.27 -12.70 29.15
C LEU C 116 -29.60 -13.38 27.83
N MET C 117 -29.74 -14.70 27.84
CA MET C 117 -30.05 -15.53 26.64
C MET C 117 -31.34 -15.07 25.96
N ASN C 118 -32.37 -14.71 26.73
CA ASN C 118 -33.72 -14.30 26.22
C ASN C 118 -33.83 -12.78 26.30
N SER C 119 -32.81 -12.13 26.87
CA SER C 119 -32.72 -10.66 27.00
C SER C 119 -33.93 -10.14 27.78
N SER C 120 -34.09 -10.60 29.02
CA SER C 120 -35.34 -10.45 29.80
C SER C 120 -35.37 -9.08 30.47
N ASN C 121 -36.22 -8.18 29.99
CA ASN C 121 -36.43 -6.85 30.64
C ASN C 121 -36.96 -7.10 32.05
N ARG C 122 -37.87 -8.05 32.18
CA ARG C 122 -38.53 -8.42 33.47
C ARG C 122 -37.45 -8.88 34.48
N GLY C 123 -36.67 -9.90 34.11
CA GLY C 123 -35.53 -10.42 34.88
C GLY C 123 -34.63 -9.34 35.47
N VAL C 124 -34.07 -8.48 34.61
CA VAL C 124 -33.06 -7.44 34.99
C VAL C 124 -33.73 -6.33 35.82
N SER C 125 -35.00 -6.04 35.55
CA SER C 125 -35.83 -5.10 36.35
C SER C 125 -35.87 -5.64 37.78
N ARG C 126 -36.16 -6.94 37.93
CA ARG C 126 -36.33 -7.61 39.25
C ARG C 126 -35.05 -7.49 40.07
N LEU C 127 -33.90 -7.78 39.46
CA LEU C 127 -32.59 -7.69 40.14
C LEU C 127 -32.35 -6.21 40.49
N ALA C 128 -32.57 -5.32 39.51
CA ALA C 128 -32.47 -3.86 39.68
C ALA C 128 -33.11 -3.46 41.01
N LEU C 129 -34.36 -3.88 41.23
CA LEU C 129 -35.19 -3.40 42.37
C LEU C 129 -34.78 -4.12 43.65
N ARG C 130 -34.05 -5.22 43.52
CA ARG C 130 -33.41 -5.88 44.68
C ARG C 130 -32.25 -5.04 45.23
N MET C 131 -32.01 -3.84 44.68
CA MET C 131 -30.80 -3.02 44.92
C MET C 131 -31.15 -1.53 45.00
N PRO C 132 -30.33 -0.73 45.75
CA PRO C 132 -30.46 0.72 45.77
C PRO C 132 -30.07 1.32 44.42
N PRO C 133 -30.67 2.48 44.05
CA PRO C 133 -30.48 3.06 42.71
C PRO C 133 -29.01 3.31 42.36
N SER C 134 -28.21 3.72 43.37
CA SER C 134 -26.77 4.03 43.29
C SER C 134 -25.94 2.81 42.85
N ALA C 135 -26.45 1.59 43.03
CA ALA C 135 -25.74 0.34 42.64
C ALA C 135 -25.41 0.40 41.15
N LEU C 136 -26.45 0.42 40.30
CA LEU C 136 -26.29 0.36 38.82
C LEU C 136 -25.62 1.65 38.27
N MET C 137 -25.72 2.81 38.94
CA MET C 137 -24.99 4.03 38.50
C MET C 137 -23.49 3.91 38.84
N GLU C 138 -23.14 3.57 40.08
CA GLU C 138 -21.73 3.31 40.51
C GLU C 138 -21.12 2.14 39.71
N THR C 139 -21.92 1.19 39.24
CA THR C 139 -21.45 0.04 38.43
C THR C 139 -21.07 0.53 37.02
N TYR C 140 -22.03 1.15 36.34
CA TYR C 140 -21.82 1.80 35.02
C TYR C 140 -20.64 2.80 35.08
N GLN C 141 -20.54 3.66 36.10
CA GLN C 141 -19.37 4.56 36.26
C GLN C 141 -18.10 3.71 36.17
N ASN C 142 -18.03 2.66 36.99
CA ASN C 142 -16.80 1.84 37.23
C ASN C 142 -16.34 1.11 35.97
N ALA C 143 -17.27 0.61 35.14
CA ALA C 143 -17.01 -0.05 33.83
C ALA C 143 -16.84 0.97 32.69
N GLY C 144 -16.90 2.28 32.98
CA GLY C 144 -16.98 3.37 31.99
C GLY C 144 -18.07 3.13 30.93
N LEU C 145 -19.27 2.72 31.33
CA LEU C 145 -20.49 2.78 30.48
C LEU C 145 -21.05 4.21 30.52
N SER C 146 -20.53 5.05 31.42
CA SER C 146 -20.90 6.47 31.70
C SER C 146 -19.64 7.18 32.16
N LYS C 147 -19.52 8.50 31.96
CA LYS C 147 -18.24 9.21 32.24
C LYS C 147 -18.34 9.94 33.58
N LYS C 166 -32.69 13.34 45.54
CA LYS C 166 -32.23 12.38 44.50
C LYS C 166 -33.18 11.16 44.42
N ARG C 167 -34.46 11.31 44.81
CA ARG C 167 -35.41 10.19 44.99
C ARG C 167 -35.78 9.64 43.59
N TRP C 168 -35.81 8.31 43.45
CA TRP C 168 -35.95 7.53 42.18
C TRP C 168 -37.29 6.82 42.18
N ALA C 169 -38.10 7.03 41.14
CA ALA C 169 -39.29 6.21 40.83
C ALA C 169 -38.88 4.75 40.67
N ASP C 170 -39.86 3.83 40.75
CA ASP C 170 -39.67 2.36 40.57
C ASP C 170 -39.28 2.04 39.15
N ILE C 171 -39.81 2.81 38.21
CA ILE C 171 -39.64 2.50 36.77
C ILE C 171 -38.30 3.07 36.31
N GLU C 172 -37.86 4.21 36.87
CA GLU C 172 -36.52 4.77 36.55
C GLU C 172 -35.51 3.65 36.82
N ARG C 173 -35.54 3.12 38.04
CA ARG C 173 -34.69 1.99 38.50
C ARG C 173 -34.77 0.79 37.55
N ALA C 174 -35.93 0.42 37.03
CA ALA C 174 -36.04 -0.76 36.13
C ALA C 174 -35.56 -0.47 34.70
N THR C 175 -36.06 0.58 34.06
CA THR C 175 -35.71 0.91 32.65
C THR C 175 -34.19 0.95 32.54
N VAL C 176 -33.53 1.60 33.50
CA VAL C 176 -32.05 1.83 33.55
C VAL C 176 -31.37 0.47 33.44
N ALA C 177 -31.88 -0.55 34.11
CA ALA C 177 -31.36 -1.93 34.09
C ALA C 177 -31.60 -2.59 32.72
N TYR C 178 -32.46 -2.08 31.85
CA TYR C 178 -32.54 -2.62 30.46
C TYR C 178 -32.22 -1.52 29.43
N GLY C 179 -31.50 -0.48 29.91
CA GLY C 179 -30.71 0.47 29.11
C GLY C 179 -31.57 1.54 28.49
N TYR C 180 -32.68 1.90 29.14
CA TYR C 180 -33.68 2.89 28.66
C TYR C 180 -33.61 4.14 29.55
N GLY C 181 -33.72 5.31 28.91
CA GLY C 181 -33.68 6.63 29.56
C GLY C 181 -32.30 6.96 30.09
N ILE C 182 -31.27 6.27 29.59
CA ILE C 182 -29.82 6.53 29.84
C ILE C 182 -29.21 6.78 28.45
N THR C 183 -28.14 7.57 28.36
CA THR C 183 -27.51 7.94 27.05
C THR C 183 -26.10 7.39 27.06
N ALA C 184 -25.63 6.85 25.96
CA ALA C 184 -24.23 6.41 25.87
C ALA C 184 -23.73 6.48 24.43
N THR C 185 -22.41 6.52 24.26
CA THR C 185 -21.70 6.62 22.96
C THR C 185 -20.98 5.33 22.65
N PRO C 186 -20.76 4.99 21.36
CA PRO C 186 -20.08 3.73 21.02
C PRO C 186 -18.75 3.48 21.75
N LEU C 187 -18.01 4.53 22.09
CA LEU C 187 -16.74 4.41 22.86
C LEU C 187 -16.99 3.95 24.30
N GLN C 188 -18.02 4.49 24.95
CA GLN C 188 -18.35 4.10 26.33
C GLN C 188 -18.78 2.63 26.30
N ILE C 189 -19.59 2.21 25.33
CA ILE C 189 -20.00 0.79 25.25
C ILE C 189 -18.77 -0.10 24.99
N ALA C 190 -17.87 0.29 24.06
CA ALA C 190 -16.59 -0.39 23.74
C ALA C 190 -15.66 -0.51 24.97
N ARG C 191 -15.37 0.62 25.62
CA ARG C 191 -14.70 0.69 26.94
C ARG C 191 -15.37 -0.27 27.95
N ALA C 192 -16.69 -0.18 28.12
CA ALA C 192 -17.47 -1.07 29.03
C ALA C 192 -17.20 -2.53 28.69
N TYR C 193 -17.55 -2.97 27.49
CA TYR C 193 -17.41 -4.38 27.07
C TYR C 193 -15.93 -4.79 27.13
N ALA C 194 -15.00 -3.92 26.74
CA ALA C 194 -13.56 -4.18 26.99
C ALA C 194 -13.35 -4.59 28.46
N THR C 195 -13.91 -3.88 29.43
CA THR C 195 -13.69 -4.19 30.87
C THR C 195 -14.19 -5.61 31.17
N LEU C 196 -15.20 -6.10 30.45
CA LEU C 196 -15.70 -7.49 30.60
C LEU C 196 -14.59 -8.41 30.08
N GLY C 197 -14.15 -8.20 28.84
CA GLY C 197 -13.10 -9.01 28.22
C GLY C 197 -11.90 -9.21 29.14
N SER C 198 -11.52 -8.16 29.88
CA SER C 198 -10.38 -8.22 30.82
C SER C 198 -10.75 -9.09 32.02
N PHE C 199 -12.03 -9.47 32.16
CA PHE C 199 -12.61 -10.09 33.37
C PHE C 199 -12.44 -9.16 34.58
N GLY C 200 -12.74 -7.87 34.42
CA GLY C 200 -13.10 -6.98 35.54
C GLY C 200 -12.10 -5.86 35.75
N VAL C 201 -11.18 -5.69 34.80
CA VAL C 201 -10.07 -4.69 34.86
C VAL C 201 -10.42 -3.52 33.96
N TYR C 202 -10.82 -2.39 34.55
CA TYR C 202 -11.09 -1.12 33.84
C TYR C 202 -9.76 -0.53 33.34
N ARG C 203 -9.62 -0.38 32.03
CA ARG C 203 -8.46 0.30 31.41
C ARG C 203 -8.98 1.46 30.55
N PRO C 204 -8.58 2.72 30.86
CA PRO C 204 -8.99 3.88 30.08
C PRO C 204 -8.64 3.75 28.60
N LEU C 205 -9.41 4.42 27.74
CA LEU C 205 -9.16 4.36 26.29
C LEU C 205 -7.95 5.23 25.94
N SER C 206 -7.08 4.72 25.07
CA SER C 206 -5.90 5.43 24.51
C SER C 206 -5.99 5.38 22.99
N PHE C 207 -5.50 6.45 22.35
CA PHE C 207 -5.50 6.60 20.87
C PHE C 207 -4.04 6.68 20.37
N GLU C 208 -3.14 7.14 21.24
CA GLU C 208 -1.68 6.85 21.21
C GLU C 208 -1.46 5.37 21.59
N LYS C 209 -0.76 4.59 20.74
CA LYS C 209 -0.40 3.17 21.02
C LYS C 209 0.37 3.07 22.34
N GLN C 210 -0.14 2.27 23.29
CA GLN C 210 0.47 2.05 24.63
C GLN C 210 1.02 0.62 24.72
N ASP C 211 2.13 0.45 25.45
CA ASP C 211 2.97 -0.78 25.46
C ASP C 211 2.49 -1.73 26.55
N PRO C 212 1.91 -2.91 26.17
CA PRO C 212 1.46 -3.92 27.13
C PRO C 212 2.58 -4.56 27.96
N PRO C 213 2.49 -4.56 29.32
CA PRO C 213 1.22 -4.38 30.04
C PRO C 213 0.86 -2.91 30.36
N VAL C 214 -0.42 -2.68 30.67
CA VAL C 214 -0.99 -1.33 31.02
C VAL C 214 -1.54 -1.38 32.46
N ILE C 215 -1.40 -0.26 33.19
CA ILE C 215 -2.02 0.00 34.53
C ILE C 215 -3.53 0.07 34.33
N GLY C 216 -4.31 -0.49 35.27
CA GLY C 216 -5.79 -0.48 35.20
C GLY C 216 -6.39 -1.07 36.45
N LYS C 217 -7.49 -0.50 36.94
CA LYS C 217 -8.08 -0.89 38.24
C LYS C 217 -9.01 -2.08 38.04
N ARG C 218 -9.06 -2.95 39.05
CA ARG C 218 -10.05 -4.04 39.15
C ARG C 218 -11.30 -3.43 39.77
N VAL C 219 -12.44 -3.62 39.10
CA VAL C 219 -13.74 -2.99 39.44
C VAL C 219 -14.81 -4.09 39.62
N PHE C 220 -14.60 -5.26 39.01
CA PHE C 220 -15.45 -6.48 39.11
C PHE C 220 -14.59 -7.71 39.39
N SER C 221 -15.14 -8.71 40.09
CA SER C 221 -14.39 -9.92 40.49
C SER C 221 -14.06 -10.71 39.23
N GLU C 222 -12.95 -11.46 39.27
CA GLU C 222 -12.43 -12.12 38.05
C GLU C 222 -13.43 -13.24 37.70
N LYS C 223 -13.95 -13.94 38.71
CA LYS C 223 -14.75 -15.18 38.55
C LYS C 223 -16.17 -14.80 38.10
N ILE C 224 -16.75 -13.79 38.74
CA ILE C 224 -18.11 -13.30 38.37
C ILE C 224 -18.04 -12.79 36.92
N THR C 225 -16.97 -12.08 36.55
CA THR C 225 -16.84 -11.45 35.22
C THR C 225 -16.60 -12.52 34.16
N LYS C 226 -15.81 -13.53 34.50
CA LYS C 226 -15.47 -14.63 33.56
C LYS C 226 -16.72 -15.48 33.30
N ASP C 227 -17.58 -15.58 34.32
CA ASP C 227 -18.89 -16.28 34.32
C ASP C 227 -19.82 -15.56 33.33
N ILE C 228 -19.96 -14.23 33.49
CA ILE C 228 -20.81 -13.33 32.62
C ILE C 228 -20.44 -13.57 31.15
N VAL C 229 -19.14 -13.55 30.86
CA VAL C 229 -18.62 -13.68 29.48
C VAL C 229 -19.00 -15.05 28.86
N GLY C 230 -18.90 -16.12 29.66
CA GLY C 230 -19.40 -17.46 29.31
C GLY C 230 -20.86 -17.44 28.86
N ILE C 231 -21.74 -16.74 29.61
CA ILE C 231 -23.19 -16.63 29.27
C ILE C 231 -23.31 -15.95 27.91
N LEU C 232 -22.64 -14.81 27.75
CA LEU C 232 -22.65 -14.05 26.48
C LEU C 232 -22.21 -15.01 25.36
N GLU C 233 -21.28 -15.94 25.64
CA GLU C 233 -20.85 -16.91 24.60
C GLU C 233 -22.09 -17.66 24.08
N LYS C 234 -23.00 -17.99 24.99
CA LYS C 234 -24.26 -18.71 24.63
C LYS C 234 -25.16 -17.76 23.85
N VAL C 235 -25.26 -16.50 24.27
CA VAL C 235 -26.09 -15.49 23.56
C VAL C 235 -25.73 -15.51 22.06
N ALA C 236 -24.45 -15.43 21.71
CA ALA C 236 -23.98 -15.51 20.31
C ALA C 236 -24.40 -16.85 19.69
N ILE C 237 -24.28 -17.92 20.50
CA ILE C 237 -24.50 -19.33 20.07
C ILE C 237 -25.99 -19.52 19.77
N LYS C 238 -26.86 -18.93 20.60
CA LYS C 238 -28.33 -18.88 20.42
C LYS C 238 -28.62 -18.11 19.12
N ASN C 239 -28.35 -16.79 19.08
CA ASN C 239 -28.47 -15.94 17.88
C ASN C 239 -27.22 -16.13 16.99
N LYS C 240 -27.31 -17.04 16.02
CA LYS C 240 -26.14 -17.55 15.24
C LYS C 240 -25.51 -16.46 14.34
N ARG C 241 -26.13 -15.27 14.22
CA ARG C 241 -25.73 -14.24 13.21
C ARG C 241 -24.39 -13.61 13.61
N ALA C 242 -24.02 -13.66 14.89
CA ALA C 242 -22.82 -13.01 15.46
C ALA C 242 -21.64 -13.97 15.43
N MET C 243 -21.88 -15.23 15.03
CA MET C 243 -20.90 -16.35 15.08
C MET C 243 -19.80 -16.13 14.04
N VAL C 244 -18.54 -16.29 14.45
CA VAL C 244 -17.36 -16.24 13.55
C VAL C 244 -16.75 -17.66 13.49
N GLU C 245 -17.10 -18.40 12.43
CA GLU C 245 -16.49 -19.71 12.06
C GLU C 245 -15.01 -19.73 12.49
N GLY C 246 -14.69 -20.70 13.37
CA GLY C 246 -13.33 -20.99 13.87
C GLY C 246 -13.02 -20.28 15.17
N TYR C 247 -13.94 -19.48 15.70
CA TYR C 247 -13.72 -18.73 16.97
C TYR C 247 -14.97 -18.80 17.85
N ARG C 248 -14.74 -18.83 19.16
CA ARG C 248 -15.76 -18.65 20.22
C ARG C 248 -15.90 -17.15 20.48
N VAL C 249 -17.12 -16.65 20.33
CA VAL C 249 -17.50 -15.21 20.34
C VAL C 249 -18.58 -15.01 21.41
N GLY C 250 -18.45 -13.97 22.23
CA GLY C 250 -19.50 -13.53 23.17
C GLY C 250 -20.03 -12.16 22.81
N VAL C 251 -21.35 -11.99 22.69
CA VAL C 251 -21.94 -10.69 22.25
C VAL C 251 -23.26 -10.41 22.97
N LYS C 252 -23.65 -9.14 22.97
CA LYS C 252 -24.99 -8.66 23.38
C LYS C 252 -25.59 -7.79 22.26
N THR C 253 -26.55 -8.34 21.50
CA THR C 253 -27.25 -7.70 20.36
C THR C 253 -28.55 -7.07 20.88
N GLY C 254 -28.97 -5.94 20.30
CA GLY C 254 -30.10 -5.15 20.81
C GLY C 254 -30.62 -4.15 19.80
N THR C 255 -31.77 -3.56 20.14
CA THR C 255 -32.34 -2.34 19.51
C THR C 255 -32.73 -1.42 20.65
N ALA C 256 -32.55 -0.13 20.46
CA ALA C 256 -32.94 0.92 21.41
C ALA C 256 -33.30 2.14 20.58
N ARG C 257 -33.46 3.31 21.19
CA ARG C 257 -33.88 4.54 20.46
C ARG C 257 -32.71 5.52 20.44
N LYS C 258 -32.55 6.20 19.31
CA LYS C 258 -31.61 7.34 19.15
C LYS C 258 -31.93 8.32 20.30
N ILE C 259 -30.95 9.04 20.82
CA ILE C 259 -31.19 10.18 21.77
C ILE C 259 -30.75 11.47 21.11
N GLU C 260 -31.50 12.55 21.39
CA GLU C 260 -31.24 13.94 20.93
C GLU C 260 -31.70 14.90 22.03
N ASN C 261 -30.84 15.86 22.37
CA ASN C 261 -31.01 16.84 23.48
C ASN C 261 -31.40 16.12 24.77
N GLY C 262 -30.64 15.08 25.14
CA GLY C 262 -30.86 14.26 26.34
C GLY C 262 -32.19 13.51 26.34
N HIS C 263 -32.93 13.44 25.22
CA HIS C 263 -34.16 12.62 25.15
C HIS C 263 -34.06 11.58 24.06
N TYR C 264 -34.93 10.59 24.18
CA TYR C 264 -35.13 9.54 23.16
C TYR C 264 -35.96 10.13 22.03
N VAL C 265 -35.98 9.43 20.90
CA VAL C 265 -36.65 9.88 19.65
C VAL C 265 -37.08 8.61 18.91
N ASN C 266 -37.98 8.71 17.94
CA ASN C 266 -38.53 7.55 17.21
C ASN C 266 -37.58 7.05 16.11
N LYS C 267 -36.28 7.35 16.18
CA LYS C 267 -35.25 6.72 15.30
C LYS C 267 -34.68 5.52 16.05
N TYR C 268 -34.88 4.32 15.50
CA TYR C 268 -34.38 3.06 16.10
C TYR C 268 -32.92 2.86 15.68
N VAL C 269 -32.12 2.49 16.68
CA VAL C 269 -30.67 2.12 16.58
C VAL C 269 -30.57 0.60 16.80
N ALA C 270 -29.70 -0.07 16.03
CA ALA C 270 -29.39 -1.51 16.12
C ALA C 270 -27.90 -1.68 16.39
N PHE C 271 -27.54 -2.35 17.49
CA PHE C 271 -26.14 -2.57 17.91
C PHE C 271 -25.90 -4.06 18.26
N THR C 272 -24.67 -4.49 18.05
CA THR C 272 -24.04 -5.64 18.74
C THR C 272 -22.81 -5.15 19.47
N ALA C 273 -22.66 -5.51 20.74
CA ALA C 273 -21.43 -5.30 21.56
C ALA C 273 -21.00 -6.68 22.07
N GLY C 274 -19.72 -7.01 21.93
CA GLY C 274 -19.22 -8.38 22.04
C GLY C 274 -17.71 -8.40 22.24
N ILE C 275 -17.23 -9.55 22.73
CA ILE C 275 -15.83 -9.87 23.14
C ILE C 275 -15.39 -11.13 22.39
N ALA C 276 -14.11 -11.21 22.03
CA ALA C 276 -13.51 -12.44 21.46
C ALA C 276 -11.99 -12.34 21.45
N PRO C 277 -11.27 -13.46 21.24
CA PRO C 277 -11.88 -14.79 21.31
C PRO C 277 -12.24 -15.11 22.78
N ILE C 278 -13.30 -15.87 23.02
CA ILE C 278 -13.84 -16.15 24.40
C ILE C 278 -12.81 -16.80 25.33
N SER C 279 -11.96 -17.69 24.80
CA SER C 279 -10.96 -18.51 25.55
C SER C 279 -9.89 -17.59 26.14
N ASP C 280 -9.46 -16.62 25.33
CA ASP C 280 -8.64 -15.45 25.75
C ASP C 280 -9.04 -14.25 24.91
N PRO C 281 -10.03 -13.47 25.41
CA PRO C 281 -10.41 -12.17 24.84
C PRO C 281 -9.26 -11.20 24.52
N ARG C 282 -9.13 -10.80 23.26
CA ARG C 282 -8.12 -9.80 22.83
C ARG C 282 -8.84 -8.48 22.50
N TYR C 283 -9.99 -8.54 21.81
CA TYR C 283 -10.62 -7.40 21.10
C TYR C 283 -12.10 -7.24 21.50
N ALA C 284 -12.44 -6.05 22.04
CA ALA C 284 -13.81 -5.52 22.25
C ALA C 284 -14.29 -4.80 20.99
N LEU C 285 -15.41 -5.23 20.39
CA LEU C 285 -16.02 -4.59 19.20
C LEU C 285 -17.42 -4.09 19.54
N VAL C 286 -17.80 -2.89 19.08
CA VAL C 286 -19.15 -2.27 19.16
C VAL C 286 -19.58 -1.88 17.75
N VAL C 287 -20.51 -2.60 17.14
CA VAL C 287 -21.12 -2.22 15.84
C VAL C 287 -22.43 -1.56 16.20
N LEU C 288 -22.76 -0.48 15.50
CA LEU C 288 -23.95 0.38 15.71
C LEU C 288 -24.46 0.85 14.34
N ILE C 289 -25.66 0.44 13.94
CA ILE C 289 -26.28 0.88 12.66
C ILE C 289 -27.45 1.78 13.05
N ASN C 290 -27.33 3.08 12.79
CA ASN C 290 -28.37 4.09 13.13
C ASN C 290 -29.42 4.10 12.02
N ASP C 291 -30.62 3.60 12.33
CA ASP C 291 -31.88 3.82 11.58
C ASP C 291 -31.90 3.01 10.29
N PRO C 292 -31.72 1.67 10.35
CA PRO C 292 -31.80 0.82 9.16
C PRO C 292 -33.22 0.60 8.60
N LYS C 293 -33.33 0.14 7.35
CA LYS C 293 -34.59 -0.20 6.66
C LYS C 293 -34.35 -1.37 5.69
N GLY C 300 -33.24 -6.72 16.74
CA GLY C 300 -32.52 -6.00 15.66
C GLY C 300 -31.14 -6.58 15.44
N ALA C 301 -31.08 -7.82 14.95
CA ALA C 301 -29.83 -8.57 14.69
C ALA C 301 -29.39 -8.30 13.24
N VAL C 302 -29.50 -7.04 12.80
CA VAL C 302 -29.07 -6.56 11.46
C VAL C 302 -27.64 -6.02 11.58
N SER C 303 -27.13 -5.92 12.81
CA SER C 303 -25.74 -5.50 13.14
C SER C 303 -24.85 -6.73 13.37
N ALA C 304 -25.45 -7.88 13.74
CA ALA C 304 -24.75 -9.12 14.11
C ALA C 304 -23.87 -9.56 12.94
N PRO C 305 -24.39 -9.66 11.70
CA PRO C 305 -23.58 -10.03 10.53
C PRO C 305 -22.37 -9.15 10.26
N VAL C 306 -22.41 -7.88 10.70
CA VAL C 306 -21.33 -6.85 10.58
C VAL C 306 -20.26 -7.14 11.63
N PHE C 307 -20.67 -7.46 12.86
CA PHE C 307 -19.79 -7.85 14.00
C PHE C 307 -18.95 -9.08 13.64
N SER C 308 -19.60 -10.05 12.97
CA SER C 308 -19.01 -11.35 12.54
C SER C 308 -17.91 -11.13 11.54
N ASN C 309 -18.14 -10.23 10.58
CA ASN C 309 -17.13 -9.83 9.57
C ASN C 309 -16.02 -9.05 10.29
N ILE C 310 -16.34 -7.99 11.01
CA ILE C 310 -15.27 -7.14 11.57
C ILE C 310 -14.48 -7.99 12.56
N MET C 311 -15.11 -8.94 13.27
CA MET C 311 -14.35 -9.78 14.24
C MET C 311 -13.51 -10.82 13.51
N GLY C 312 -14.11 -11.48 12.50
CA GLY C 312 -13.49 -12.52 11.65
C GLY C 312 -12.28 -12.02 10.85
N TYR C 313 -12.30 -10.78 10.34
CA TYR C 313 -11.14 -10.16 9.66
C TYR C 313 -10.13 -9.80 10.75
N ALA C 314 -10.60 -9.19 11.83
CA ALA C 314 -9.72 -8.67 12.90
C ALA C 314 -8.97 -9.83 13.57
N LEU C 315 -9.60 -11.01 13.71
CA LEU C 315 -9.01 -12.21 14.37
C LEU C 315 -8.04 -12.92 13.43
N ARG C 316 -8.49 -13.26 12.22
CA ARG C 316 -7.62 -13.87 11.19
C ARG C 316 -6.41 -12.96 10.97
N ALA C 317 -6.62 -11.66 10.72
CA ALA C 317 -5.59 -10.67 10.34
C ALA C 317 -4.56 -10.41 11.46
N ASN C 318 -4.91 -10.61 12.73
CA ASN C 318 -3.97 -10.55 13.88
C ASN C 318 -3.45 -11.96 14.15
N ALA C 319 -3.85 -12.91 13.28
CA ALA C 319 -3.40 -14.34 13.20
C ALA C 319 -3.87 -15.12 14.43
N ILE C 320 -5.00 -14.74 15.05
CA ILE C 320 -5.44 -15.23 16.38
C ILE C 320 -5.67 -16.73 16.29
N PRO C 321 -5.33 -17.47 17.35
CA PRO C 321 -5.64 -18.91 17.41
C PRO C 321 -7.14 -19.20 17.46
N GLN C 322 -7.58 -20.25 16.77
CA GLN C 322 -9.00 -20.64 16.71
C GLN C 322 -9.56 -21.21 18.02
N ASP C 323 -10.80 -20.87 18.33
CA ASP C 323 -11.46 -21.34 19.54
C ASP C 323 -12.60 -22.30 19.21
N ALA C 324 -12.65 -22.76 17.97
CA ALA C 324 -13.71 -23.66 17.53
C ALA C 324 -13.27 -25.12 17.68
N LEU D 10 21.70 -12.98 0.89
CA LEU D 10 21.72 -13.93 2.05
C LEU D 10 20.29 -14.08 2.62
N ASP D 11 19.39 -14.70 1.86
CA ASP D 11 17.97 -14.95 2.26
C ASP D 11 17.93 -16.05 3.32
N GLN D 12 17.55 -15.69 4.55
CA GLN D 12 17.64 -16.52 5.79
C GLN D 12 16.52 -17.58 5.81
N ARG D 13 15.42 -17.35 5.10
CA ARG D 13 14.22 -18.23 5.04
C ARG D 13 14.47 -19.37 4.04
N ILE D 14 14.96 -19.03 2.84
CA ILE D 14 15.30 -20.01 1.77
C ILE D 14 16.47 -20.87 2.27
N GLN D 15 17.52 -20.23 2.79
CA GLN D 15 18.77 -20.87 3.31
C GLN D 15 18.45 -22.16 4.07
N THR D 16 17.44 -22.16 4.96
CA THR D 16 17.06 -23.32 5.83
C THR D 16 16.44 -24.44 4.98
N MET D 17 15.60 -24.10 4.00
CA MET D 17 14.95 -25.04 3.05
C MET D 17 16.01 -25.81 2.28
N VAL D 18 16.94 -25.07 1.67
CA VAL D 18 18.10 -25.65 0.91
C VAL D 18 18.76 -26.69 1.84
N TYR D 19 19.26 -26.23 2.99
CA TYR D 19 19.97 -27.07 3.99
C TYR D 19 19.06 -28.18 4.51
N ARG D 20 17.75 -27.92 4.64
CA ARG D 20 16.78 -28.95 5.07
C ARG D 20 16.75 -30.00 3.95
N GLU D 21 16.66 -29.53 2.70
CA GLU D 21 16.34 -30.37 1.52
C GLU D 21 17.61 -31.07 1.03
N ILE D 22 18.77 -30.38 1.07
CA ILE D 22 20.12 -30.96 0.71
C ILE D 22 20.47 -32.10 1.67
N LYS D 23 20.14 -31.95 2.96
CA LYS D 23 20.56 -32.89 4.03
C LYS D 23 19.88 -34.25 3.78
N LYS D 24 18.66 -34.25 3.25
CA LYS D 24 17.85 -35.48 2.94
C LYS D 24 18.45 -36.25 1.77
N ALA D 25 19.06 -35.53 0.82
CA ALA D 25 19.64 -36.06 -0.43
C ALA D 25 20.97 -36.78 -0.13
N VAL D 26 21.76 -36.24 0.80
CA VAL D 26 23.02 -36.87 1.27
C VAL D 26 22.66 -38.14 2.04
N GLU D 27 21.63 -38.06 2.89
CA GLU D 27 21.18 -39.20 3.72
C GLU D 27 20.52 -40.23 2.80
N GLU D 28 19.53 -39.83 2.00
CA GLU D 28 18.74 -40.77 1.14
C GLU D 28 19.70 -41.55 0.22
N ASN D 29 20.64 -40.89 -0.45
CA ASN D 29 21.54 -41.49 -1.47
C ASN D 29 22.77 -42.07 -0.79
N ASN D 30 23.00 -41.72 0.48
CA ASN D 30 24.16 -42.13 1.32
C ASN D 30 25.43 -41.49 0.73
N ALA D 31 25.28 -40.24 0.26
CA ALA D 31 26.35 -39.42 -0.37
C ALA D 31 27.43 -39.14 0.67
N GLU D 32 28.67 -38.95 0.23
CA GLU D 32 29.78 -38.48 1.09
C GLU D 32 29.51 -36.99 1.43
N SER D 33 29.04 -36.20 0.46
CA SER D 33 28.50 -34.84 0.70
C SER D 33 27.43 -34.46 -0.32
N GLY D 34 27.00 -33.21 -0.25
CA GLY D 34 26.26 -32.49 -1.30
C GLY D 34 26.54 -30.99 -1.23
N THR D 35 25.95 -30.23 -2.14
CA THR D 35 25.96 -28.74 -2.15
C THR D 35 24.86 -28.25 -3.08
N ALA D 36 24.15 -27.20 -2.68
CA ALA D 36 23.26 -26.42 -3.56
C ALA D 36 23.80 -24.97 -3.62
N VAL D 37 23.50 -24.22 -4.68
CA VAL D 37 23.87 -22.78 -4.82
C VAL D 37 22.77 -22.10 -5.62
N LEU D 38 21.90 -21.38 -4.92
CA LEU D 38 20.90 -20.47 -5.53
C LEU D 38 21.61 -19.15 -5.85
N VAL D 39 21.23 -18.52 -6.96
CA VAL D 39 21.73 -17.18 -7.38
C VAL D 39 20.55 -16.48 -8.08
N ASP D 40 20.29 -15.22 -7.69
CA ASP D 40 19.25 -14.38 -8.34
C ASP D 40 19.79 -13.98 -9.72
N VAL D 41 19.23 -14.57 -10.77
CA VAL D 41 19.67 -14.34 -12.18
C VAL D 41 19.89 -12.83 -12.38
N ARG D 42 18.81 -12.03 -12.22
CA ARG D 42 18.79 -10.58 -12.56
C ARG D 42 19.68 -9.79 -11.60
N THR D 43 19.75 -10.18 -10.32
CA THR D 43 20.53 -9.45 -9.27
C THR D 43 21.96 -10.03 -9.16
N GLY D 44 22.14 -11.32 -9.42
CA GLY D 44 23.44 -12.01 -9.20
C GLY D 44 23.72 -12.30 -7.73
N GLU D 45 22.70 -12.15 -6.89
CA GLU D 45 22.84 -12.34 -5.45
C GLU D 45 22.95 -13.80 -5.08
N VAL D 46 23.64 -14.08 -3.98
CA VAL D 46 23.67 -15.43 -3.45
C VAL D 46 22.46 -15.58 -2.54
N LEU D 47 21.33 -15.98 -3.12
CA LEU D 47 20.11 -16.15 -2.37
C LEU D 47 20.30 -17.23 -1.32
N ALA D 48 21.01 -18.28 -1.73
CA ALA D 48 21.32 -19.41 -0.82
C ALA D 48 22.53 -20.19 -1.31
N MET D 49 23.30 -20.75 -0.38
CA MET D 49 24.48 -21.64 -0.60
C MET D 49 24.65 -22.47 0.67
N ALA D 50 24.52 -23.80 0.57
CA ALA D 50 24.46 -24.75 1.71
C ALA D 50 25.31 -25.98 1.42
N THR D 51 26.48 -26.11 2.05
CA THR D 51 27.42 -27.25 1.89
C THR D 51 27.17 -28.26 3.01
N ALA D 52 26.30 -29.24 2.78
CA ALA D 52 25.87 -30.22 3.79
C ALA D 52 26.91 -31.34 3.91
N PRO D 53 27.71 -31.42 5.00
CA PRO D 53 28.56 -32.59 5.23
C PRO D 53 27.69 -33.81 5.53
N GLY D 54 26.47 -33.59 6.02
CA GLY D 54 25.44 -34.63 6.27
C GLY D 54 24.50 -34.26 7.40
N THR D 60 33.17 -26.21 -0.96
CA THR D 60 33.17 -25.80 -2.40
C THR D 60 34.38 -26.43 -3.09
N ASP D 61 34.40 -27.77 -3.17
CA ASP D 61 35.50 -28.59 -3.73
C ASP D 61 35.41 -28.60 -5.26
N THR D 62 36.49 -29.07 -5.88
CA THR D 62 36.75 -29.08 -7.33
C THR D 62 36.11 -30.33 -7.95
N PHE D 63 35.31 -30.18 -9.02
CA PHE D 63 34.80 -31.31 -9.83
C PHE D 63 34.76 -30.97 -11.33
N GLU D 64 34.61 -32.00 -12.17
CA GLU D 64 34.44 -31.88 -13.65
C GLU D 64 33.03 -31.39 -13.97
N PRO D 65 32.89 -30.31 -14.77
CA PRO D 65 31.57 -29.79 -15.09
C PRO D 65 30.81 -30.69 -16.07
N GLY D 66 31.49 -31.51 -16.87
CA GLY D 66 30.80 -32.45 -17.78
C GLY D 66 29.62 -31.82 -18.51
N SER D 67 28.47 -32.50 -18.55
CA SER D 67 27.30 -32.13 -19.41
C SER D 67 26.93 -30.64 -19.24
N THR D 68 27.08 -30.06 -18.05
CA THR D 68 26.87 -28.60 -17.79
C THR D 68 27.43 -27.75 -18.94
N VAL D 69 28.65 -28.01 -19.44
CA VAL D 69 29.25 -27.13 -20.49
C VAL D 69 28.56 -27.26 -21.85
N LYS D 70 27.66 -28.21 -22.09
CA LYS D 70 27.15 -28.46 -23.47
C LYS D 70 26.38 -27.23 -23.97
N PRO D 71 25.41 -26.66 -23.20
CA PRO D 71 24.68 -25.48 -23.65
C PRO D 71 25.60 -24.38 -24.20
N PHE D 72 26.80 -24.25 -23.66
CA PHE D 72 27.75 -23.19 -24.03
C PHE D 72 28.40 -23.52 -25.37
N VAL D 73 28.48 -24.79 -25.75
CA VAL D 73 29.18 -25.17 -27.01
C VAL D 73 28.23 -24.81 -28.16
N VAL D 74 26.98 -25.22 -28.04
CA VAL D 74 25.89 -24.88 -29.00
C VAL D 74 25.88 -23.35 -29.12
N LEU D 75 25.88 -22.66 -27.97
CA LEU D 75 25.84 -21.19 -27.89
C LEU D 75 27.04 -20.63 -28.66
N THR D 76 28.21 -21.24 -28.53
CA THR D 76 29.43 -20.68 -29.16
C THR D 76 29.36 -20.90 -30.66
N ALA D 77 29.04 -22.11 -31.10
CA ALA D 77 28.93 -22.45 -32.54
C ALA D 77 27.92 -21.53 -33.26
N LEU D 78 26.75 -21.22 -32.66
CA LEU D 78 25.74 -20.27 -33.20
C LEU D 78 26.29 -18.84 -33.28
N GLN D 79 26.92 -18.36 -32.22
CA GLN D 79 27.51 -17.00 -32.18
C GLN D 79 28.48 -16.82 -33.36
N ARG D 80 29.18 -17.87 -33.79
CA ARG D 80 30.17 -17.74 -34.90
C ARG D 80 29.56 -18.18 -36.24
N GLY D 81 28.27 -18.51 -36.26
CA GLY D 81 27.59 -19.13 -37.42
C GLY D 81 28.39 -20.27 -38.04
N VAL D 82 29.09 -21.07 -37.23
CA VAL D 82 29.88 -22.22 -37.75
C VAL D 82 28.92 -23.40 -37.97
N VAL D 83 27.72 -23.32 -37.40
CA VAL D 83 26.55 -24.23 -37.63
C VAL D 83 25.28 -23.38 -37.84
N LYS D 84 24.45 -23.73 -38.83
CA LYS D 84 23.06 -23.21 -38.99
C LYS D 84 22.19 -23.72 -37.82
N ARG D 85 21.19 -22.96 -37.36
CA ARG D 85 20.33 -23.36 -36.21
C ARG D 85 19.57 -24.67 -36.50
N ASP D 86 19.15 -24.86 -37.75
CA ASP D 86 18.32 -26.01 -38.20
C ASP D 86 19.25 -27.11 -38.72
N GLU D 87 20.54 -26.80 -38.89
CA GLU D 87 21.53 -27.77 -39.41
C GLU D 87 21.33 -29.13 -38.71
N ILE D 88 21.73 -30.20 -39.38
CA ILE D 88 21.65 -31.60 -38.89
C ILE D 88 23.05 -32.16 -38.86
N ILE D 89 23.51 -32.50 -37.65
CA ILE D 89 24.92 -32.87 -37.34
C ILE D 89 25.03 -34.39 -37.38
N ASP D 90 26.18 -34.88 -37.83
CA ASP D 90 26.52 -36.32 -37.89
C ASP D 90 26.93 -36.80 -36.49
N THR D 91 26.01 -37.44 -35.76
CA THR D 91 26.22 -38.06 -34.44
C THR D 91 26.74 -39.50 -34.61
N THR D 92 27.06 -39.91 -35.83
CA THR D 92 27.65 -41.23 -36.15
C THR D 92 28.94 -41.38 -35.35
N SER D 93 29.15 -42.58 -34.78
CA SER D 93 30.36 -42.95 -34.02
C SER D 93 31.58 -42.51 -34.83
N PHE D 94 32.63 -42.10 -34.16
CA PHE D 94 33.92 -41.67 -34.76
C PHE D 94 34.96 -41.57 -33.64
N LYS D 95 36.22 -41.37 -34.02
CA LYS D 95 37.37 -41.38 -33.09
C LYS D 95 38.14 -40.07 -33.25
N LEU D 96 38.91 -39.69 -32.23
CA LEU D 96 39.87 -38.56 -32.28
C LEU D 96 41.11 -38.94 -31.48
N SER D 97 42.29 -38.79 -32.09
CA SER D 97 43.61 -39.13 -31.50
C SER D 97 43.53 -40.55 -30.94
N GLY D 98 42.83 -41.45 -31.66
CA GLY D 98 42.70 -42.88 -31.33
C GLY D 98 41.57 -43.14 -30.33
N LYS D 99 41.28 -42.18 -29.44
CA LYS D 99 40.19 -42.30 -28.42
C LYS D 99 38.85 -42.09 -29.13
N GLU D 100 37.93 -43.06 -28.99
CA GLU D 100 36.60 -43.02 -29.61
C GLU D 100 35.68 -42.18 -28.73
N ILE D 101 34.94 -41.26 -29.35
CA ILE D 101 33.95 -40.41 -28.66
C ILE D 101 32.65 -41.20 -28.59
N VAL D 102 32.04 -41.22 -27.41
CA VAL D 102 30.94 -42.13 -27.02
C VAL D 102 29.76 -41.29 -26.60
N ASP D 103 28.55 -41.67 -27.03
CA ASP D 103 27.27 -41.00 -26.65
C ASP D 103 26.47 -42.00 -25.83
N VAL D 104 25.80 -41.51 -24.79
CA VAL D 104 24.88 -42.28 -23.92
C VAL D 104 23.72 -42.84 -24.75
N ALA D 105 23.09 -41.98 -25.59
CA ALA D 105 21.88 -42.30 -26.39
C ALA D 105 22.17 -42.16 -27.88
N PRO D 106 23.04 -43.01 -28.46
CA PRO D 106 23.51 -42.82 -29.84
C PRO D 106 22.38 -42.62 -30.85
N ARG D 107 22.63 -41.73 -31.82
CA ARG D 107 21.84 -41.58 -33.07
C ARG D 107 22.85 -41.31 -34.19
N ALA D 108 22.46 -41.41 -35.45
CA ALA D 108 23.37 -41.12 -36.58
C ALA D 108 23.25 -39.65 -37.01
N GLN D 109 22.12 -39.01 -36.69
CA GLN D 109 21.80 -37.63 -37.12
C GLN D 109 21.02 -36.94 -36.01
N GLN D 110 21.40 -35.69 -35.70
CA GLN D 110 20.74 -34.91 -34.62
C GLN D 110 20.72 -33.42 -35.00
N THR D 111 19.66 -32.73 -34.57
CA THR D 111 19.56 -31.26 -34.50
C THR D 111 20.39 -30.80 -33.31
N LEU D 112 20.65 -29.50 -33.19
CA LEU D 112 21.28 -28.92 -31.97
C LEU D 112 20.36 -29.19 -30.78
N ASP D 113 19.06 -29.15 -31.01
CA ASP D 113 18.04 -29.44 -29.97
C ASP D 113 18.29 -30.86 -29.45
N GLU D 114 18.20 -31.87 -30.31
CA GLU D 114 18.50 -33.29 -29.95
C GLU D 114 19.84 -33.36 -29.17
N ILE D 115 20.94 -32.94 -29.79
CA ILE D 115 22.29 -32.95 -29.18
C ILE D 115 22.19 -32.54 -27.70
N LEU D 116 21.55 -31.44 -27.35
CA LEU D 116 21.46 -31.06 -25.92
C LEU D 116 20.50 -32.03 -25.23
N MET D 117 19.39 -32.37 -25.88
CA MET D 117 18.35 -33.26 -25.28
C MET D 117 18.96 -34.63 -24.95
N ASN D 118 19.91 -35.10 -25.77
CA ASN D 118 20.55 -36.44 -25.66
C ASN D 118 21.95 -36.35 -25.04
N SER D 119 22.44 -35.14 -24.76
CA SER D 119 23.78 -34.87 -24.19
C SER D 119 24.85 -35.51 -25.05
N SER D 120 24.66 -35.50 -26.37
CA SER D 120 25.62 -36.07 -27.32
C SER D 120 27.02 -35.46 -27.09
N ASN D 121 28.02 -36.31 -26.85
CA ASN D 121 29.45 -35.94 -26.81
C ASN D 121 29.93 -35.73 -28.25
N ARG D 122 29.48 -36.60 -29.15
CA ARG D 122 29.82 -36.50 -30.58
C ARG D 122 29.27 -35.17 -31.11
N GLY D 123 28.04 -34.83 -30.70
CA GLY D 123 27.40 -33.58 -31.13
C GLY D 123 28.32 -32.40 -30.87
N VAL D 124 28.59 -32.16 -29.59
CA VAL D 124 29.38 -31.00 -29.11
C VAL D 124 30.83 -31.18 -29.56
N SER D 125 31.33 -32.40 -29.72
CA SER D 125 32.73 -32.63 -30.16
C SER D 125 32.86 -32.20 -31.62
N ARG D 126 31.81 -32.41 -32.42
CA ARG D 126 31.81 -32.02 -33.86
C ARG D 126 31.74 -30.50 -33.95
N LEU D 127 30.85 -29.84 -33.19
CA LEU D 127 30.78 -28.35 -33.10
C LEU D 127 32.13 -27.79 -32.61
N ALA D 128 32.68 -28.35 -31.55
CA ALA D 128 34.03 -28.01 -31.04
C ALA D 128 35.04 -27.91 -32.18
N LEU D 129 35.07 -28.92 -33.04
CA LEU D 129 36.17 -29.08 -34.02
C LEU D 129 35.97 -28.12 -35.19
N ARG D 130 34.74 -27.63 -35.38
CA ARG D 130 34.43 -26.65 -36.46
C ARG D 130 34.91 -25.26 -36.08
N MET D 131 35.34 -25.07 -34.83
CA MET D 131 35.90 -23.78 -34.33
C MET D 131 37.32 -24.01 -33.85
N PRO D 132 38.11 -22.93 -33.70
CA PRO D 132 39.46 -23.04 -33.14
C PRO D 132 39.39 -23.17 -31.63
N PRO D 133 40.44 -23.68 -30.94
CA PRO D 133 40.30 -24.18 -29.58
C PRO D 133 40.05 -23.06 -28.54
N SER D 134 40.46 -21.84 -28.90
CA SER D 134 40.15 -20.59 -28.17
C SER D 134 38.64 -20.33 -28.12
N ALA D 135 37.88 -20.69 -29.17
CA ALA D 135 36.42 -20.42 -29.26
C ALA D 135 35.73 -20.83 -27.96
N LEU D 136 35.99 -22.04 -27.47
CA LEU D 136 35.27 -22.58 -26.28
C LEU D 136 35.93 -22.09 -24.98
N MET D 137 37.22 -21.79 -25.02
CA MET D 137 37.95 -21.32 -23.82
C MET D 137 37.49 -19.91 -23.48
N GLU D 138 37.11 -19.11 -24.49
CA GLU D 138 36.68 -17.71 -24.30
C GLU D 138 35.25 -17.75 -23.77
N THR D 139 34.37 -18.52 -24.42
CA THR D 139 32.97 -18.65 -23.96
C THR D 139 32.99 -19.02 -22.47
N TYR D 140 33.76 -20.06 -22.12
CA TYR D 140 33.84 -20.62 -20.75
C TYR D 140 34.32 -19.52 -19.81
N GLN D 141 35.30 -18.72 -20.20
CA GLN D 141 35.87 -17.66 -19.32
C GLN D 141 34.85 -16.53 -19.20
N ASN D 142 34.20 -16.17 -20.30
CA ASN D 142 33.25 -15.03 -20.36
C ASN D 142 31.98 -15.41 -19.60
N ALA D 143 31.71 -16.71 -19.48
CA ALA D 143 30.52 -17.28 -18.81
C ALA D 143 30.80 -17.50 -17.33
N GLY D 144 32.07 -17.40 -16.91
CA GLY D 144 32.49 -17.50 -15.51
C GLY D 144 32.81 -18.92 -15.07
N LEU D 145 33.76 -19.58 -15.76
CA LEU D 145 34.36 -20.91 -15.43
C LEU D 145 35.89 -20.76 -15.47
N SER D 146 36.46 -20.04 -14.49
CA SER D 146 37.92 -19.92 -14.22
C SER D 146 38.15 -19.34 -12.82
N LYS D 166 50.94 -23.65 -28.71
CA LYS D 166 50.22 -24.61 -27.83
C LYS D 166 49.25 -25.43 -28.69
N ARG D 167 49.79 -26.35 -29.50
CA ARG D 167 49.00 -27.16 -30.46
C ARG D 167 48.11 -28.16 -29.71
N TRP D 168 46.85 -27.77 -29.47
CA TRP D 168 45.70 -28.63 -29.05
C TRP D 168 45.51 -29.86 -29.94
N ALA D 169 45.58 -31.04 -29.32
CA ALA D 169 45.28 -32.33 -29.97
C ALA D 169 43.77 -32.40 -30.17
N ASP D 170 43.32 -33.13 -31.19
CA ASP D 170 41.88 -33.25 -31.54
C ASP D 170 41.09 -33.62 -30.28
N ILE D 171 41.59 -34.57 -29.50
CA ILE D 171 40.80 -35.18 -28.40
C ILE D 171 40.63 -34.13 -27.28
N GLU D 172 41.62 -33.26 -27.03
CA GLU D 172 41.54 -32.25 -25.93
C GLU D 172 40.52 -31.18 -26.32
N ARG D 173 40.51 -30.82 -27.60
CA ARG D 173 39.53 -29.90 -28.23
C ARG D 173 38.11 -30.45 -28.08
N ALA D 174 37.96 -31.77 -28.05
CA ALA D 174 36.64 -32.45 -27.94
C ALA D 174 36.26 -32.71 -26.48
N THR D 175 37.23 -32.93 -25.57
CA THR D 175 36.92 -33.24 -24.15
C THR D 175 36.48 -31.97 -23.37
N VAL D 176 37.01 -30.78 -23.67
CA VAL D 176 36.51 -29.51 -23.07
C VAL D 176 35.07 -29.26 -23.52
N ALA D 177 34.65 -29.83 -24.65
CA ALA D 177 33.30 -29.62 -25.23
C ALA D 177 32.24 -30.46 -24.49
N TYR D 178 32.60 -31.60 -23.89
CA TYR D 178 31.67 -32.38 -23.03
C TYR D 178 32.14 -32.38 -21.57
N GLY D 179 32.99 -31.41 -21.24
CA GLY D 179 33.19 -30.91 -19.87
C GLY D 179 34.22 -31.70 -19.09
N TYR D 180 34.95 -32.60 -19.78
CA TYR D 180 36.02 -33.45 -19.19
C TYR D 180 37.37 -32.77 -19.34
N GLY D 181 38.27 -33.05 -18.41
CA GLY D 181 39.64 -32.53 -18.38
C GLY D 181 39.70 -31.07 -17.93
N ILE D 182 38.61 -30.55 -17.32
CA ILE D 182 38.55 -29.18 -16.77
C ILE D 182 37.90 -29.25 -15.39
N THR D 183 38.36 -28.37 -14.48
CA THR D 183 37.88 -28.22 -13.08
C THR D 183 36.91 -27.04 -13.03
N ALA D 184 35.73 -27.27 -12.44
CA ALA D 184 34.71 -26.27 -12.12
C ALA D 184 34.34 -26.38 -10.64
N THR D 185 33.66 -25.37 -10.09
CA THR D 185 33.12 -25.38 -8.71
C THR D 185 31.63 -25.11 -8.84
N PRO D 186 30.78 -25.48 -7.85
CA PRO D 186 29.33 -25.29 -7.93
C PRO D 186 28.91 -23.82 -8.05
N LEU D 187 29.75 -22.89 -7.56
CA LEU D 187 29.55 -21.41 -7.62
C LEU D 187 29.90 -20.90 -9.01
N GLN D 188 30.94 -21.46 -9.63
CA GLN D 188 31.33 -21.14 -11.04
C GLN D 188 30.18 -21.60 -11.97
N ILE D 189 29.54 -22.72 -11.69
CA ILE D 189 28.46 -23.25 -12.57
C ILE D 189 27.24 -22.34 -12.40
N ALA D 190 27.01 -21.85 -11.19
CA ALA D 190 25.80 -21.05 -10.84
C ALA D 190 25.78 -19.75 -11.63
N ARG D 191 26.89 -19.00 -11.54
CA ARG D 191 27.22 -17.76 -12.29
C ARG D 191 26.88 -18.02 -13.76
N ALA D 192 27.45 -19.08 -14.34
CA ALA D 192 27.40 -19.39 -15.79
C ALA D 192 25.94 -19.64 -16.21
N TYR D 193 25.18 -20.40 -15.42
CA TYR D 193 23.78 -20.73 -15.74
C TYR D 193 22.94 -19.45 -15.54
N ALA D 194 23.32 -18.65 -14.54
CA ALA D 194 22.75 -17.30 -14.32
C ALA D 194 23.06 -16.39 -15.53
N THR D 195 24.30 -16.37 -16.04
CA THR D 195 24.68 -15.71 -17.33
C THR D 195 23.72 -16.20 -18.42
N LEU D 196 23.36 -17.48 -18.44
CA LEU D 196 22.35 -18.00 -19.40
C LEU D 196 20.97 -17.42 -19.10
N GLY D 197 20.63 -17.19 -17.82
CA GLY D 197 19.30 -16.70 -17.41
C GLY D 197 19.08 -15.25 -17.84
N SER D 198 20.02 -14.39 -17.47
CA SER D 198 20.07 -12.95 -17.83
C SER D 198 20.27 -12.80 -19.34
N PHE D 199 20.26 -13.91 -20.10
CA PHE D 199 20.25 -13.95 -21.58
C PHE D 199 21.54 -13.33 -22.15
N GLY D 200 22.68 -13.75 -21.62
CA GLY D 200 24.00 -13.39 -22.18
C GLY D 200 24.68 -12.30 -21.36
N VAL D 201 24.05 -11.90 -20.25
CA VAL D 201 24.54 -10.81 -19.38
C VAL D 201 25.23 -11.42 -18.14
N TYR D 202 26.54 -11.19 -18.01
CA TYR D 202 27.37 -11.76 -16.93
C TYR D 202 27.58 -10.72 -15.81
N ARG D 203 27.10 -11.05 -14.61
CA ARG D 203 27.22 -10.23 -13.38
C ARG D 203 27.90 -11.07 -12.30
N PRO D 204 29.06 -10.62 -11.74
CA PRO D 204 29.75 -11.35 -10.67
C PRO D 204 28.83 -11.68 -9.48
N LEU D 205 29.12 -12.77 -8.75
CA LEU D 205 28.22 -13.25 -7.66
C LEU D 205 28.29 -12.24 -6.51
N SER D 206 27.14 -12.06 -5.85
CA SER D 206 26.97 -11.21 -4.65
C SER D 206 27.13 -12.08 -3.41
N PHE D 207 27.93 -11.63 -2.44
CA PHE D 207 27.97 -12.20 -1.07
C PHE D 207 27.44 -11.18 -0.07
N GLU D 208 27.10 -9.96 -0.55
CA GLU D 208 26.43 -8.85 0.19
C GLU D 208 25.16 -8.42 -0.56
N LYS D 209 24.06 -8.16 0.17
CA LYS D 209 22.74 -7.73 -0.37
C LYS D 209 22.93 -6.53 -1.31
N GLN D 210 22.14 -6.47 -2.39
CA GLN D 210 22.16 -5.38 -3.42
C GLN D 210 20.74 -5.14 -3.95
N ASP D 211 20.55 -4.08 -4.73
CA ASP D 211 19.24 -3.62 -5.25
C ASP D 211 19.09 -4.07 -6.70
N PRO D 212 17.87 -4.03 -7.30
CA PRO D 212 17.65 -4.44 -8.69
C PRO D 212 18.50 -3.84 -9.81
N PRO D 213 19.05 -2.60 -9.69
CA PRO D 213 19.95 -2.07 -10.73
C PRO D 213 21.37 -2.59 -10.56
N VAL D 214 21.67 -3.77 -11.13
CA VAL D 214 23.03 -4.40 -11.11
C VAL D 214 23.75 -4.04 -12.40
N ILE D 215 25.06 -3.78 -12.30
CA ILE D 215 25.94 -3.27 -13.38
C ILE D 215 26.39 -4.46 -14.25
N GLY D 216 25.48 -4.96 -15.11
CA GLY D 216 25.69 -6.21 -15.89
C GLY D 216 26.47 -5.99 -17.17
N LYS D 217 27.55 -6.75 -17.38
CA LYS D 217 28.29 -6.83 -18.66
C LYS D 217 27.60 -7.84 -19.57
N ARG D 218 27.52 -7.54 -20.86
CA ARG D 218 26.88 -8.43 -21.87
C ARG D 218 27.97 -9.19 -22.61
N VAL D 219 27.82 -10.50 -22.75
CA VAL D 219 28.86 -11.40 -23.34
C VAL D 219 28.31 -12.27 -24.49
N PHE D 220 27.00 -12.51 -24.51
CA PHE D 220 26.33 -13.38 -25.51
C PHE D 220 25.12 -12.63 -26.10
N SER D 221 24.71 -13.05 -27.28
CA SER D 221 23.52 -12.52 -28.01
C SER D 221 22.24 -13.07 -27.40
N GLU D 222 21.32 -12.17 -27.01
CA GLU D 222 20.03 -12.46 -26.30
C GLU D 222 19.14 -13.30 -27.21
N LYS D 223 19.13 -13.07 -28.52
CA LYS D 223 18.33 -13.90 -29.45
C LYS D 223 18.73 -15.36 -29.25
N ILE D 224 20.05 -15.63 -29.33
CA ILE D 224 20.69 -16.97 -29.21
C ILE D 224 20.53 -17.47 -27.77
N THR D 225 20.99 -16.71 -26.77
CA THR D 225 21.00 -17.17 -25.36
C THR D 225 19.57 -17.55 -24.99
N LYS D 226 18.58 -16.73 -25.33
CA LYS D 226 17.13 -17.05 -25.10
C LYS D 226 16.79 -18.39 -25.78
N ASP D 227 17.25 -18.58 -27.03
CA ASP D 227 17.01 -19.83 -27.84
C ASP D 227 17.66 -21.04 -27.11
N ILE D 228 18.83 -20.85 -26.49
CA ILE D 228 19.58 -21.89 -25.72
C ILE D 228 18.78 -22.25 -24.46
N VAL D 229 18.32 -21.26 -23.71
CA VAL D 229 17.45 -21.49 -22.52
C VAL D 229 16.14 -22.14 -23.01
N GLY D 230 15.67 -21.79 -24.20
CA GLY D 230 14.51 -22.43 -24.85
C GLY D 230 14.72 -23.93 -25.01
N ILE D 231 15.92 -24.31 -25.48
CA ILE D 231 16.28 -25.75 -25.69
C ILE D 231 16.39 -26.41 -24.32
N LEU D 232 16.95 -25.73 -23.33
CA LEU D 232 17.15 -26.34 -21.99
C LEU D 232 15.79 -26.73 -21.41
N GLU D 233 14.73 -26.01 -21.78
CA GLU D 233 13.33 -26.35 -21.40
C GLU D 233 13.02 -27.77 -21.87
N LYS D 234 13.15 -27.99 -23.19
CA LYS D 234 12.82 -29.28 -23.85
C LYS D 234 13.59 -30.42 -23.16
N VAL D 235 14.78 -30.11 -22.63
CA VAL D 235 15.60 -31.06 -21.84
C VAL D 235 14.89 -31.34 -20.51
N ALA D 236 14.58 -30.32 -19.71
CA ALA D 236 13.94 -30.52 -18.40
C ALA D 236 12.62 -31.27 -18.60
N ILE D 237 11.94 -31.01 -19.73
CA ILE D 237 10.70 -31.74 -20.15
C ILE D 237 11.07 -33.22 -20.28
N LYS D 238 12.00 -33.54 -21.19
CA LYS D 238 12.35 -34.93 -21.60
C LYS D 238 12.84 -35.76 -20.40
N ASN D 239 13.59 -35.16 -19.47
CA ASN D 239 14.06 -35.83 -18.22
C ASN D 239 13.22 -35.33 -17.06
N LYS D 240 12.05 -35.94 -16.87
CA LYS D 240 10.94 -35.35 -16.08
C LYS D 240 11.47 -35.00 -14.68
N ARG D 241 12.51 -35.71 -14.24
CA ARG D 241 12.87 -35.87 -12.81
C ARG D 241 13.01 -34.50 -12.13
N ALA D 242 13.31 -33.45 -12.92
CA ALA D 242 13.73 -32.11 -12.46
C ALA D 242 12.56 -31.11 -12.50
N MET D 243 11.46 -31.46 -13.16
CA MET D 243 10.27 -30.60 -13.45
C MET D 243 9.70 -30.03 -12.15
N VAL D 244 8.96 -28.92 -12.26
CA VAL D 244 8.13 -28.39 -11.13
C VAL D 244 6.69 -28.17 -11.62
N GLU D 245 5.70 -28.30 -10.72
CA GLU D 245 4.23 -28.28 -10.99
C GLU D 245 3.79 -26.89 -11.43
N GLY D 246 3.33 -26.77 -12.69
CA GLY D 246 2.77 -25.52 -13.26
C GLY D 246 3.83 -24.62 -13.88
N TYR D 247 5.09 -24.72 -13.42
CA TYR D 247 6.25 -23.96 -13.93
C TYR D 247 6.95 -24.74 -15.05
N ARG D 248 7.65 -24.03 -15.92
CA ARG D 248 8.54 -24.59 -16.99
C ARG D 248 9.97 -24.29 -16.53
N VAL D 249 10.89 -25.25 -16.69
CA VAL D 249 12.26 -25.14 -16.11
C VAL D 249 13.31 -25.61 -17.13
N GLY D 250 14.49 -25.00 -17.09
CA GLY D 250 15.63 -25.32 -17.96
C GLY D 250 16.77 -25.99 -17.19
N VAL D 251 17.10 -27.22 -17.56
CA VAL D 251 17.99 -28.08 -16.73
C VAL D 251 19.10 -28.69 -17.59
N LYS D 252 20.25 -28.89 -16.92
CA LYS D 252 21.33 -29.77 -17.37
C LYS D 252 21.73 -30.66 -16.19
N THR D 253 21.64 -31.97 -16.41
CA THR D 253 21.99 -33.07 -15.50
C THR D 253 23.00 -34.00 -16.18
N GLY D 254 23.88 -34.62 -15.39
CA GLY D 254 24.95 -35.49 -15.89
C GLY D 254 25.82 -35.91 -14.75
N THR D 255 26.65 -36.93 -14.94
CA THR D 255 27.61 -37.38 -13.92
C THR D 255 29.00 -37.09 -14.41
N ALA D 256 29.86 -36.57 -13.54
CA ALA D 256 31.30 -36.43 -13.80
C ALA D 256 32.10 -36.87 -12.56
N ARG D 257 33.42 -36.71 -12.63
CA ARG D 257 34.36 -37.21 -11.63
C ARG D 257 34.81 -36.02 -10.80
N LYS D 258 35.03 -36.21 -9.51
CA LYS D 258 35.64 -35.16 -8.63
C LYS D 258 37.04 -34.84 -9.17
N ILE D 259 37.62 -33.71 -8.77
CA ILE D 259 39.04 -33.34 -9.03
C ILE D 259 39.75 -33.30 -7.68
N GLU D 260 41.01 -33.74 -7.59
CA GLU D 260 41.70 -33.82 -6.27
C GLU D 260 43.02 -33.05 -6.28
N ASN D 261 43.85 -33.13 -7.32
CA ASN D 261 45.12 -32.35 -7.28
C ASN D 261 45.44 -31.87 -8.68
N GLY D 262 44.46 -31.24 -9.35
CA GLY D 262 44.48 -30.93 -10.79
C GLY D 262 44.32 -32.17 -11.69
N HIS D 263 43.87 -33.29 -11.14
CA HIS D 263 43.59 -34.54 -11.88
C HIS D 263 42.26 -35.07 -11.40
N TYR D 264 41.53 -35.70 -12.32
CA TYR D 264 40.31 -36.47 -12.06
C TYR D 264 40.69 -37.65 -11.17
N VAL D 265 39.72 -38.22 -10.46
CA VAL D 265 39.86 -39.48 -9.65
C VAL D 265 38.58 -40.31 -9.82
N ASN D 266 38.63 -41.65 -9.73
CA ASN D 266 37.43 -42.47 -9.98
C ASN D 266 36.48 -42.34 -8.78
N LYS D 267 36.13 -41.10 -8.46
CA LYS D 267 35.02 -40.74 -7.55
C LYS D 267 34.07 -39.90 -8.40
N TYR D 268 32.78 -40.04 -8.14
CA TYR D 268 31.74 -39.63 -9.10
C TYR D 268 30.85 -38.61 -8.42
N VAL D 269 30.28 -37.76 -9.26
CA VAL D 269 29.57 -36.51 -8.90
C VAL D 269 28.34 -36.43 -9.80
N ALA D 270 27.16 -36.23 -9.21
CA ALA D 270 25.89 -35.99 -9.91
C ALA D 270 25.53 -34.53 -9.68
N PHE D 271 25.39 -33.77 -10.76
CA PHE D 271 25.07 -32.34 -10.72
C PHE D 271 23.76 -32.17 -11.48
N THR D 272 22.99 -31.17 -11.08
CA THR D 272 21.90 -30.59 -11.89
C THR D 272 21.97 -29.07 -11.79
N ALA D 273 22.09 -28.42 -12.93
CA ALA D 273 22.23 -26.96 -13.05
C ALA D 273 21.12 -26.46 -13.99
N GLY D 274 20.39 -25.47 -13.52
CA GLY D 274 19.16 -25.00 -14.17
C GLY D 274 18.79 -23.58 -13.80
N ILE D 275 17.94 -23.02 -14.65
CA ILE D 275 17.44 -21.63 -14.59
C ILE D 275 15.94 -21.74 -14.60
N ALA D 276 15.25 -21.02 -13.72
CA ALA D 276 13.76 -20.95 -13.73
C ALA D 276 13.25 -19.62 -13.18
N PRO D 277 12.04 -19.19 -13.57
CA PRO D 277 11.25 -19.87 -14.60
C PRO D 277 11.61 -19.42 -16.03
N ILE D 278 11.17 -20.17 -17.02
CA ILE D 278 11.71 -20.08 -18.41
C ILE D 278 11.33 -18.75 -19.02
N SER D 279 10.03 -18.45 -19.08
CA SER D 279 9.43 -17.27 -19.76
C SER D 279 10.09 -16.01 -19.22
N ASP D 280 10.39 -16.01 -17.92
CA ASP D 280 11.18 -14.94 -17.29
C ASP D 280 12.02 -15.53 -16.17
N PRO D 281 13.25 -15.98 -16.50
CA PRO D 281 14.17 -16.56 -15.54
C PRO D 281 14.30 -15.64 -14.33
N ARG D 282 14.29 -16.22 -13.12
CA ARG D 282 14.51 -15.47 -11.86
C ARG D 282 15.71 -16.08 -11.13
N TYR D 283 15.81 -17.41 -11.10
CA TYR D 283 16.74 -18.16 -10.21
C TYR D 283 17.64 -19.12 -11.00
N ALA D 284 18.93 -19.11 -10.63
CA ALA D 284 19.97 -20.05 -11.08
C ALA D 284 20.40 -20.95 -9.93
N LEU D 285 20.19 -22.25 -10.04
CA LEU D 285 20.49 -23.22 -8.95
C LEU D 285 21.40 -24.34 -9.48
N VAL D 286 22.30 -24.84 -8.63
CA VAL D 286 23.24 -25.97 -8.91
C VAL D 286 23.19 -26.90 -7.71
N VAL D 287 22.49 -28.04 -7.82
CA VAL D 287 22.55 -29.18 -6.87
C VAL D 287 23.70 -30.10 -7.29
N LEU D 288 24.56 -30.46 -6.34
CA LEU D 288 25.75 -31.33 -6.52
C LEU D 288 25.71 -32.42 -5.45
N ILE D 289 25.65 -33.69 -5.85
CA ILE D 289 25.63 -34.87 -4.94
C ILE D 289 26.96 -35.62 -5.12
N ASN D 290 27.93 -35.39 -4.23
CA ASN D 290 29.29 -36.01 -4.28
C ASN D 290 29.22 -37.44 -3.70
N ASP D 291 29.67 -38.43 -4.47
CA ASP D 291 29.94 -39.83 -4.04
C ASP D 291 28.67 -40.51 -3.54
N PRO D 292 27.61 -40.57 -4.35
CA PRO D 292 26.42 -41.34 -3.99
C PRO D 292 26.59 -42.85 -4.21
N LYS D 293 25.94 -43.72 -3.41
CA LYS D 293 25.67 -45.14 -3.74
C LYS D 293 24.76 -45.26 -4.97
N GLY D 300 22.71 -41.32 -12.53
CA GLY D 300 22.81 -39.95 -13.09
C GLY D 300 21.72 -38.98 -12.60
N ALA D 301 20.47 -39.46 -12.48
CA ALA D 301 19.31 -38.56 -12.27
C ALA D 301 19.29 -38.06 -10.82
N VAL D 302 20.26 -38.42 -9.99
CA VAL D 302 20.10 -38.33 -8.50
C VAL D 302 20.00 -36.86 -8.04
N SER D 303 20.62 -35.92 -8.74
CA SER D 303 20.59 -34.49 -8.37
C SER D 303 19.31 -33.82 -8.88
N ALA D 304 18.58 -34.41 -9.83
CA ALA D 304 17.46 -33.74 -10.55
C ALA D 304 16.20 -33.63 -9.69
N PRO D 305 15.70 -34.71 -9.04
CA PRO D 305 14.65 -34.62 -8.03
C PRO D 305 14.95 -33.60 -6.93
N VAL D 306 16.22 -33.35 -6.62
CA VAL D 306 16.59 -32.38 -5.55
C VAL D 306 16.52 -30.95 -6.09
N PHE D 307 16.71 -30.78 -7.39
CA PHE D 307 16.43 -29.51 -8.10
C PHE D 307 14.95 -29.18 -7.91
N SER D 308 14.09 -30.05 -8.45
CA SER D 308 12.59 -30.06 -8.38
C SER D 308 12.08 -29.90 -6.95
N ASN D 309 12.89 -30.27 -5.96
CA ASN D 309 12.66 -29.86 -4.55
C ASN D 309 13.14 -28.40 -4.43
N ILE D 310 14.45 -28.14 -4.32
CA ILE D 310 14.99 -26.79 -3.95
C ILE D 310 14.33 -25.71 -4.80
N MET D 311 14.13 -25.92 -6.09
CA MET D 311 13.74 -24.83 -7.03
C MET D 311 12.24 -24.53 -6.90
N GLY D 312 11.37 -25.52 -7.11
CA GLY D 312 9.91 -25.37 -6.95
C GLY D 312 9.55 -24.60 -5.68
N TYR D 313 10.13 -24.98 -4.54
CA TYR D 313 9.80 -24.43 -3.20
C TYR D 313 10.47 -23.06 -2.97
N ALA D 314 11.30 -22.58 -3.90
CA ALA D 314 11.94 -21.24 -3.90
C ALA D 314 11.21 -20.31 -4.88
N LEU D 315 10.34 -20.89 -5.71
CA LEU D 315 9.35 -20.16 -6.56
C LEU D 315 8.07 -19.91 -5.76
N ARG D 316 7.83 -20.77 -4.76
CA ARG D 316 6.70 -20.68 -3.80
C ARG D 316 6.95 -19.48 -2.88
N ALA D 317 8.14 -19.39 -2.28
CA ALA D 317 8.58 -18.35 -1.30
C ALA D 317 8.60 -16.95 -1.93
N ASN D 318 8.78 -16.85 -3.26
CA ASN D 318 8.93 -15.58 -4.00
C ASN D 318 7.68 -15.29 -4.83
N ALA D 319 6.87 -16.32 -5.12
CA ALA D 319 5.49 -16.22 -5.64
C ALA D 319 5.49 -15.71 -7.10
N ILE D 320 6.22 -16.41 -7.97
CA ILE D 320 6.30 -16.14 -9.43
C ILE D 320 5.12 -16.86 -10.08
N PRO D 321 4.40 -16.26 -11.06
CA PRO D 321 3.27 -16.94 -11.72
C PRO D 321 3.62 -18.27 -12.41
N GLN D 322 2.67 -19.20 -12.46
CA GLN D 322 2.77 -20.52 -13.15
C GLN D 322 3.15 -20.29 -14.62
N ASP D 323 3.69 -21.32 -15.31
CA ASP D 323 4.10 -21.26 -16.74
C ASP D 323 3.21 -22.16 -17.62
N ALA D 324 2.55 -23.19 -17.06
CA ALA D 324 1.52 -24.00 -17.77
C ALA D 324 0.63 -24.72 -16.75
#